data_9D4E
#
_entry.id   9D4E
#
_cell.length_a   48.574
_cell.length_b   87.975
_cell.length_c   73.136
_cell.angle_alpha   90.00
_cell.angle_beta   96.94
_cell.angle_gamma   90.00
#
_symmetry.space_group_name_H-M   'P 1 21 1'
#
loop_
_entity.id
_entity.type
_entity.pdbx_description
1 polymer 'DDB1- and CUL4-associated factor 1'
2 non-polymer (4P)-N-[(1S)-3-amino-1-(3-chloro-4-fluorophenyl)-3-oxopropyl]-4-(4-chloro-2-fluorophenyl)-5-[(1E)-3-oxo-3-(piperidin-1-yl)prop-1-en-1-yl]-1H-pyrrole-3-carboxamide
3 non-polymer 'CITRIC ACID'
4 water water
#
_entity_poly.entity_id   1
_entity_poly.type   'polypeptide(L)'
_entity_poly.pdbx_seq_one_letter_code
;GASAFRPISVFREANEDESGFTCCAFSARERFLMLGTCTGQLKLYNVFSGQEEASYNCHNSAITHLEPSRDGSLLLTSAT
WSQPLSALWGMKSVFDMKHSFTEDHYVEFSKHSQDRVIGTKGDIAHIYDIQTGNKLLTLFNPDLANNYKRNCATFNPTDD
LVLNDGVLWDVRSAQAIHKFDKFNMNISGVFHPNGLEVIINTEIWDLRTFHLLHTVPALDQCRVVFNHTGTVMYGAMLQA
DDEDDLMEERMKSPFGSSFRTFNATDYKPIATIDVKRNIFDLCTDTKDCYLAVIENQGSMDALNMDTVCRLYEVG
;
_entity_poly.pdbx_strand_id   A,B
#
loop_
_chem_comp.id
_chem_comp.type
_chem_comp.name
_chem_comp.formula
A1A1Q non-polymer (4P)-N-[(1S)-3-amino-1-(3-chloro-4-fluorophenyl)-3-oxopropyl]-4-(4-chloro-2-fluorophenyl)-5-[(1E)-3-oxo-3-(piperidin-1-yl)prop-1-en-1-yl]-1H-pyrrole-3-carboxamide 'C28 H26 Cl2 F2 N4 O3'
CIT non-polymer 'CITRIC ACID' 'C6 H8 O7'
#
# COMPACT_ATOMS: atom_id res chain seq x y z
N ALA A 4 -6.46 -15.41 -5.12
CA ALA A 4 -6.35 -16.42 -4.04
C ALA A 4 -5.41 -15.91 -2.96
N PHE A 5 -5.66 -16.30 -1.71
CA PHE A 5 -4.68 -16.22 -0.64
C PHE A 5 -3.72 -17.40 -0.77
N ARG A 6 -2.48 -17.13 -1.15
CA ARG A 6 -1.50 -18.18 -1.36
C ARG A 6 -0.70 -18.38 -0.08
N PRO A 7 -0.80 -19.56 0.58
CA PRO A 7 -0.01 -19.78 1.79
C PRO A 7 1.49 -19.70 1.52
N ILE A 8 2.20 -19.02 2.41
CA ILE A 8 3.61 -18.71 2.26
C ILE A 8 4.40 -19.39 3.37
N SER A 9 3.92 -19.24 4.61
CA SER A 9 4.64 -19.79 5.75
CA SER A 9 4.66 -19.69 5.79
C SER A 9 3.69 -20.09 6.90
N VAL A 10 4.18 -20.94 7.81
CA VAL A 10 3.46 -21.27 9.03
C VAL A 10 4.50 -21.41 10.15
N PHE A 11 4.14 -20.92 11.35
CA PHE A 11 5.01 -21.14 12.48
C PHE A 11 4.21 -21.11 13.78
N ARG A 12 4.84 -21.68 14.82
CA ARG A 12 4.29 -21.69 16.16
C ARG A 12 5.25 -20.96 17.10
N GLU A 13 4.79 -20.78 18.35
CA GLU A 13 5.58 -20.16 19.39
C GLU A 13 6.72 -21.09 19.79
N ALA A 14 7.94 -20.54 19.78
CA ALA A 14 9.16 -21.31 20.01
C ALA A 14 9.32 -21.58 21.50
N ASN A 15 9.95 -22.74 21.79
CA ASN A 15 10.21 -23.18 23.16
C ASN A 15 8.94 -23.10 23.99
N GLU A 16 7.83 -23.60 23.43
CA GLU A 16 6.60 -23.81 24.20
C GLU A 16 6.03 -25.18 23.84
N ASP A 17 5.61 -25.93 24.87
CA ASP A 17 4.90 -27.19 24.67
C ASP A 17 3.65 -26.93 23.83
N GLU A 18 2.82 -25.99 24.29
CA GLU A 18 1.67 -25.55 23.53
C GLU A 18 1.84 -24.10 23.11
N SER A 19 1.62 -23.85 21.82
CA SER A 19 1.84 -22.53 21.25
C SER A 19 0.68 -21.61 21.65
N GLY A 20 1.00 -20.40 22.10
CA GLY A 20 0.00 -19.54 22.71
C GLY A 20 -0.12 -18.19 22.00
N PHE A 21 0.16 -18.13 20.70
CA PHE A 21 -0.10 -16.90 19.97
C PHE A 21 -1.59 -16.54 20.04
N THR A 22 -1.90 -15.26 20.31
CA THR A 22 -3.28 -14.80 20.42
C THR A 22 -3.62 -13.65 19.46
N CYS A 23 -2.66 -12.78 19.16
CA CYS A 23 -2.94 -11.61 18.34
C CYS A 23 -1.67 -11.19 17.63
N CYS A 24 -1.81 -10.38 16.57
CA CYS A 24 -0.66 -10.03 15.76
C CYS A 24 -0.86 -8.69 15.09
N ALA A 25 0.28 -8.11 14.74
CA ALA A 25 0.39 -6.88 13.95
C ALA A 25 1.78 -6.85 13.35
N PHE A 26 1.88 -6.39 12.10
CA PHE A 26 3.18 -6.22 11.49
C PHE A 26 3.90 -5.04 12.12
N SER A 27 5.20 -5.22 12.36
CA SER A 27 6.08 -4.16 12.82
C SER A 27 6.39 -3.22 11.64
N ALA A 28 7.03 -2.09 11.96
CA ALA A 28 7.49 -1.16 10.94
C ALA A 28 8.58 -1.82 10.08
N ARG A 29 9.28 -2.81 10.66
CA ARG A 29 10.31 -3.56 9.95
C ARG A 29 9.65 -4.63 9.09
N GLU A 30 9.95 -4.54 7.78
N GLU A 30 9.93 -4.64 7.77
CA GLU A 30 9.59 -5.53 6.78
CA GLU A 30 9.10 -5.32 6.78
C GLU A 30 10.15 -6.88 7.19
C GLU A 30 8.81 -6.80 7.10
N ARG A 31 9.27 -7.89 7.18
N ARG A 31 9.87 -7.56 7.44
CA ARG A 31 9.65 -9.26 7.47
CA ARG A 31 9.80 -9.01 7.49
C ARG A 31 9.37 -9.62 8.93
C ARG A 31 9.46 -9.54 8.89
N PHE A 32 9.03 -8.64 9.79
CA PHE A 32 8.84 -8.95 11.22
C PHE A 32 7.41 -8.70 11.69
N LEU A 33 6.86 -9.70 12.36
CA LEU A 33 5.52 -9.65 12.91
C LEU A 33 5.62 -9.60 14.43
N MET A 34 4.76 -8.78 15.05
CA MET A 34 4.60 -8.77 16.49
C MET A 34 3.41 -9.66 16.84
N LEU A 35 3.61 -10.52 17.86
CA LEU A 35 2.59 -11.45 18.30
C LEU A 35 2.45 -11.37 19.82
N GLY A 36 1.20 -11.24 20.29
CA GLY A 36 0.88 -11.39 21.68
C GLY A 36 0.60 -12.85 21.99
N THR A 37 0.72 -13.22 23.28
CA THR A 37 0.57 -14.63 23.66
C THR A 37 -0.42 -14.74 24.81
N CYS A 38 -0.87 -15.98 25.04
CA CYS A 38 -1.86 -16.22 26.09
C CYS A 38 -1.27 -16.13 27.51
N THR A 39 0.05 -15.97 27.66
CA THR A 39 0.65 -15.78 28.97
C THR A 39 1.10 -14.34 29.18
N GLY A 40 0.82 -13.45 28.21
CA GLY A 40 1.04 -12.03 28.37
C GLY A 40 2.34 -11.51 27.76
N GLN A 41 3.02 -12.31 26.94
CA GLN A 41 4.26 -11.89 26.32
C GLN A 41 4.00 -11.29 24.94
N LEU A 42 4.91 -10.40 24.53
CA LEU A 42 4.97 -9.86 23.19
C LEU A 42 6.20 -10.43 22.51
N LYS A 43 6.02 -11.04 21.33
CA LYS A 43 7.13 -11.65 20.61
C LYS A 43 7.27 -11.00 19.24
N LEU A 44 8.53 -10.88 18.80
CA LEU A 44 8.86 -10.46 17.45
C LEU A 44 9.37 -11.69 16.70
N TYR A 45 8.74 -11.96 15.54
CA TYR A 45 9.10 -13.11 14.72
C TYR A 45 9.43 -12.64 13.32
N ASN A 46 10.42 -13.29 12.73
CA ASN A 46 10.62 -13.27 11.29
C ASN A 46 9.48 -14.09 10.68
N VAL A 47 8.61 -13.43 9.92
CA VAL A 47 7.36 -14.05 9.48
C VAL A 47 7.62 -15.04 8.32
N PHE A 48 8.78 -14.92 7.67
CA PHE A 48 9.13 -15.79 6.55
C PHE A 48 9.84 -17.05 7.04
N SER A 49 10.77 -16.91 7.99
CA SER A 49 11.55 -18.03 8.49
C SER A 49 10.89 -18.68 9.71
N GLY A 50 9.94 -17.98 10.32
CA GLY A 50 9.24 -18.46 11.50
C GLY A 50 10.09 -18.43 12.75
N GLN A 51 11.23 -17.71 12.72
CA GLN A 51 12.15 -17.70 13.85
C GLN A 51 11.85 -16.54 14.80
N GLU A 52 11.93 -16.82 16.10
CA GLU A 52 11.74 -15.79 17.11
C GLU A 52 12.98 -14.90 17.16
N GLU A 53 12.76 -13.58 17.26
CA GLU A 53 13.83 -12.60 17.36
C GLU A 53 13.93 -12.03 18.77
N ALA A 54 12.79 -11.68 19.36
CA ALA A 54 12.78 -11.07 20.67
C ALA A 54 11.48 -11.41 21.41
N SER A 55 11.55 -11.27 22.74
CA SER A 55 10.41 -11.49 23.62
C SER A 55 10.42 -10.45 24.74
N TYR A 56 9.22 -10.00 25.10
CA TYR A 56 9.02 -9.00 26.14
C TYR A 56 7.83 -9.42 27.00
N ASN A 57 7.91 -9.07 28.29
CA ASN A 57 6.86 -9.39 29.25
C ASN A 57 5.96 -8.17 29.41
N CYS A 58 4.69 -8.33 29.00
CA CYS A 58 3.78 -7.20 28.94
C CYS A 58 2.66 -7.31 29.98
N HIS A 59 2.05 -8.49 30.12
CA HIS A 59 0.89 -8.64 30.99
C HIS A 59 1.00 -9.96 31.75
N ASN A 60 0.14 -10.12 32.77
CA ASN A 60 0.06 -11.33 33.59
C ASN A 60 -1.11 -12.21 33.14
N SER A 61 -1.71 -11.88 32.00
CA SER A 61 -2.77 -12.67 31.41
C SER A 61 -2.70 -12.51 29.89
N ALA A 62 -3.58 -13.21 29.16
CA ALA A 62 -3.50 -13.24 27.71
C ALA A 62 -3.60 -11.85 27.09
N ILE A 63 -2.76 -11.59 26.09
CA ILE A 63 -2.90 -10.40 25.27
C ILE A 63 -4.03 -10.64 24.27
N THR A 64 -5.07 -9.79 24.33
CA THR A 64 -6.23 -9.97 23.46
C THR A 64 -6.03 -9.25 22.14
N HIS A 65 -5.31 -8.13 22.14
CA HIS A 65 -5.28 -7.25 20.99
C HIS A 65 -4.06 -6.35 21.14
N LEU A 66 -3.46 -5.97 20.02
CA LEU A 66 -2.37 -5.02 20.09
C LEU A 66 -2.41 -4.14 18.84
N GLU A 67 -1.73 -3.00 18.94
CA GLU A 67 -1.74 -2.01 17.86
C GLU A 67 -0.45 -1.21 17.94
N PRO A 68 0.45 -1.34 16.94
CA PRO A 68 1.64 -0.50 16.86
C PRO A 68 1.30 0.86 16.24
N SER A 69 2.00 1.91 16.69
CA SER A 69 1.93 3.19 16.03
C SER A 69 2.64 3.07 14.69
N ARG A 70 2.20 3.85 13.71
CA ARG A 70 2.82 3.85 12.39
C ARG A 70 4.31 4.19 12.44
N ASP A 71 4.71 5.11 13.33
CA ASP A 71 6.09 5.56 13.37
C ASP A 71 7.02 4.52 14.01
N GLY A 72 6.44 3.48 14.64
CA GLY A 72 7.21 2.36 15.15
C GLY A 72 7.67 2.56 16.60
N SER A 73 7.31 3.72 17.18
CA SER A 73 7.84 4.12 18.47
C SER A 73 6.96 3.61 19.60
N LEU A 74 5.69 3.30 19.29
CA LEU A 74 4.74 3.03 20.36
C LEU A 74 3.90 1.80 20.02
N LEU A 75 3.47 1.11 21.09
CA LEU A 75 2.63 -0.07 20.99
C LEU A 75 1.53 -0.01 22.04
N LEU A 76 0.29 -0.31 21.64
CA LEU A 76 -0.78 -0.52 22.59
C LEU A 76 -1.03 -2.01 22.73
N THR A 77 -1.23 -2.48 23.97
CA THR A 77 -1.64 -3.85 24.23
C THR A 77 -2.88 -3.85 25.12
N SER A 78 -3.70 -4.91 25.02
CA SER A 78 -4.81 -5.13 25.92
C SER A 78 -4.78 -6.58 26.41
N ALA A 79 -5.24 -6.82 27.64
CA ALA A 79 -5.26 -8.17 28.20
C ALA A 79 -6.63 -8.51 28.78
N THR A 80 -6.79 -9.78 29.17
CA THR A 80 -8.09 -10.32 29.57
C THR A 80 -8.42 -9.90 30.99
N TRP A 81 -7.69 -10.47 31.96
CA TRP A 81 -8.03 -10.36 33.37
C TRP A 81 -6.83 -9.84 34.17
N SER A 82 -6.01 -8.98 33.55
CA SER A 82 -4.88 -8.35 34.23
C SER A 82 -5.33 -7.03 34.85
N GLN A 83 -4.50 -6.50 35.75
CA GLN A 83 -4.59 -5.10 36.16
C GLN A 83 -3.17 -4.54 36.10
N PRO A 84 -2.84 -3.65 35.12
CA PRO A 84 -3.82 -3.01 34.25
C PRO A 84 -4.21 -3.77 32.97
N LEU A 85 -5.42 -3.46 32.47
CA LEU A 85 -5.99 -4.18 31.35
C LEU A 85 -5.33 -3.75 30.03
N SER A 86 -4.98 -2.47 29.87
CA SER A 86 -4.31 -2.04 28.66
C SER A 86 -3.09 -1.20 29.03
N ALA A 87 -2.17 -1.06 28.07
CA ALA A 87 -0.94 -0.31 28.30
C ALA A 87 -0.37 0.20 26.99
N LEU A 88 0.48 1.23 27.13
CA LEU A 88 1.22 1.84 26.05
C LEU A 88 2.71 1.63 26.32
N TRP A 89 3.43 1.10 25.33
CA TRP A 89 4.83 0.75 25.46
C TRP A 89 5.66 1.56 24.47
N GLY A 90 6.87 1.95 24.91
CA GLY A 90 7.86 2.50 24.01
C GLY A 90 8.68 1.39 23.38
N MET A 91 8.91 1.50 22.06
CA MET A 91 9.73 0.54 21.33
C MET A 91 10.94 1.24 20.72
N LYS A 92 11.53 2.17 21.49
CA LYS A 92 12.83 2.76 21.18
C LYS A 92 13.91 1.91 21.83
N SER A 93 14.87 2.55 22.51
CA SER A 93 16.03 1.86 23.06
C SER A 93 15.59 0.70 23.96
N VAL A 94 14.98 1.04 25.11
CA VAL A 94 14.54 0.05 26.08
C VAL A 94 13.02 -0.13 25.93
N PHE A 95 12.58 -1.38 25.73
CA PHE A 95 11.17 -1.69 25.73
C PHE A 95 10.63 -1.43 27.13
N ASP A 96 9.74 -0.43 27.25
CA ASP A 96 9.36 0.13 28.54
C ASP A 96 7.90 0.56 28.48
N MET A 97 7.21 0.45 29.61
CA MET A 97 5.83 0.92 29.70
C MET A 97 5.82 2.43 29.89
N LYS A 98 5.12 3.13 29.00
CA LYS A 98 4.99 4.58 29.08
C LYS A 98 3.81 4.92 29.98
N HIS A 99 2.64 4.34 29.69
CA HIS A 99 1.45 4.57 30.47
C HIS A 99 0.63 3.29 30.54
N SER A 100 -0.27 3.22 31.52
CA SER A 100 -1.24 2.14 31.56
C SER A 100 -2.65 2.72 31.63
N PHE A 101 -3.62 1.87 31.25
CA PHE A 101 -5.03 2.25 31.22
C PHE A 101 -5.78 1.19 32.02
N THR A 102 -5.90 1.44 33.33
CA THR A 102 -6.23 0.42 34.33
C THR A 102 -7.54 -0.27 33.99
N GLU A 103 -8.51 0.51 33.48
CA GLU A 103 -9.90 0.07 33.43
C GLU A 103 -10.37 -0.31 32.03
N ASP A 104 -9.57 -0.05 30.99
CA ASP A 104 -10.03 -0.21 29.62
C ASP A 104 -9.55 -1.54 29.06
N HIS A 105 -10.49 -2.39 28.61
CA HIS A 105 -10.15 -3.70 28.08
C HIS A 105 -9.79 -3.65 26.59
N TYR A 106 -9.96 -2.48 25.95
CA TYR A 106 -9.61 -2.28 24.55
C TYR A 106 -9.14 -0.84 24.36
N VAL A 107 -8.12 -0.66 23.51
CA VAL A 107 -7.55 0.66 23.25
C VAL A 107 -7.16 0.75 21.78
N GLU A 108 -7.25 1.97 21.24
CA GLU A 108 -6.80 2.26 19.89
C GLU A 108 -6.11 3.61 19.88
N PHE A 109 -5.21 3.81 18.92
CA PHE A 109 -4.64 5.13 18.70
C PHE A 109 -5.62 6.00 17.93
N SER A 110 -5.45 7.31 18.10
CA SER A 110 -6.02 8.28 17.18
C SER A 110 -5.42 7.99 15.80
N LYS A 111 -6.04 8.51 14.74
CA LYS A 111 -5.75 7.98 13.42
C LYS A 111 -4.85 8.91 12.60
N HIS A 112 -5.18 10.19 12.56
CA HIS A 112 -4.44 11.12 11.72
C HIS A 112 -3.12 11.42 12.41
N SER A 113 -3.21 12.13 13.53
CA SER A 113 -2.08 12.36 14.42
C SER A 113 -2.22 11.41 15.60
N GLN A 114 -1.18 10.59 15.84
CA GLN A 114 -1.27 9.53 16.83
C GLN A 114 -0.75 10.05 18.16
N ASP A 115 -1.48 11.03 18.73
CA ASP A 115 -1.12 11.70 19.96
C ASP A 115 -2.10 11.37 21.08
N ARG A 116 -3.15 10.60 20.75
CA ARG A 116 -4.14 10.22 21.74
C ARG A 116 -4.41 8.73 21.66
N VAL A 117 -4.92 8.20 22.77
CA VAL A 117 -5.43 6.85 22.87
C VAL A 117 -6.91 6.91 23.24
N ILE A 118 -7.73 6.08 22.57
CA ILE A 118 -9.11 5.92 23.00
C ILE A 118 -9.28 4.52 23.56
N GLY A 119 -9.76 4.48 24.81
CA GLY A 119 -10.01 3.23 25.50
C GLY A 119 -11.50 2.99 25.72
N THR A 120 -11.85 1.71 25.83
CA THR A 120 -13.23 1.30 26.06
C THR A 120 -13.31 0.51 27.36
N LYS A 121 -14.26 0.92 28.21
CA LYS A 121 -14.73 0.10 29.33
C LYS A 121 -16.25 -0.05 29.17
N GLY A 122 -16.72 -1.27 28.89
CA GLY A 122 -18.12 -1.48 28.63
C GLY A 122 -18.64 -0.52 27.56
N ASP A 123 -19.62 0.31 27.90
CA ASP A 123 -20.19 1.22 26.92
C ASP A 123 -19.66 2.64 27.10
N ILE A 124 -18.48 2.77 27.73
CA ILE A 124 -17.87 4.05 28.07
C ILE A 124 -16.58 4.22 27.27
N ALA A 125 -16.37 5.40 26.67
CA ALA A 125 -15.08 5.71 26.06
C ALA A 125 -14.29 6.66 26.94
N HIS A 126 -12.97 6.44 26.96
CA HIS A 126 -12.01 7.31 27.63
C HIS A 126 -10.95 7.74 26.62
N ILE A 127 -10.66 9.04 26.56
CA ILE A 127 -9.63 9.54 25.67
C ILE A 127 -8.47 10.04 26.52
N TYR A 128 -7.25 9.62 26.15
CA TYR A 128 -6.04 9.92 26.90
C TYR A 128 -5.01 10.60 26.00
N ASP A 129 -4.21 11.47 26.61
CA ASP A 129 -3.06 12.09 25.98
C ASP A 129 -1.87 11.14 26.10
N ILE A 130 -1.18 10.89 24.99
CA ILE A 130 -0.07 9.95 24.97
C ILE A 130 1.07 10.46 25.84
N GLN A 131 1.31 11.78 25.79
CA GLN A 131 2.47 12.37 26.46
C GLN A 131 2.35 12.23 27.98
N THR A 132 1.21 12.68 28.53
CA THR A 132 1.02 12.74 29.98
C THR A 132 0.39 11.44 30.48
N GLY A 133 -0.36 10.77 29.61
CA GLY A 133 -1.17 9.64 30.02
C GLY A 133 -2.48 10.09 30.66
N ASN A 134 -2.69 11.40 30.77
CA ASN A 134 -3.84 11.97 31.45
C ASN A 134 -5.11 11.63 30.69
N LYS A 135 -6.17 11.31 31.43
CA LYS A 135 -7.49 11.10 30.83
C LYS A 135 -8.08 12.47 30.54
N LEU A 136 -8.35 12.74 29.26
CA LEU A 136 -8.82 14.04 28.83
C LEU A 136 -10.35 14.09 28.85
N LEU A 137 -11.01 13.02 28.38
CA LEU A 137 -12.46 13.01 28.24
C LEU A 137 -12.99 11.63 28.61
N THR A 138 -14.15 11.64 29.26
CA THR A 138 -14.98 10.45 29.35
C THR A 138 -16.22 10.69 28.51
N LEU A 139 -16.56 9.75 27.62
CA LEU A 139 -17.71 9.91 26.75
C LEU A 139 -18.75 8.85 27.10
N PHE A 140 -19.86 9.33 27.67
CA PHE A 140 -21.00 8.48 27.99
C PHE A 140 -22.21 9.37 28.22
N ASN A 141 -23.29 9.09 27.49
CA ASN A 141 -24.55 9.80 27.64
C ASN A 141 -25.64 8.77 27.93
N PRO A 142 -26.21 8.76 29.16
CA PRO A 142 -27.18 7.74 29.55
C PRO A 142 -28.43 7.80 28.69
N ASP A 143 -28.73 8.98 28.14
CA ASP A 143 -29.93 9.20 27.36
C ASP A 143 -29.82 8.57 25.97
N LEU A 144 -28.60 8.42 25.43
CA LEU A 144 -28.43 7.99 24.05
C LEU A 144 -27.77 6.61 23.94
N ALA A 145 -27.46 5.96 25.06
CA ALA A 145 -26.70 4.73 25.03
C ALA A 145 -27.46 3.62 24.31
N ASN A 146 -26.71 2.76 23.60
CA ASN A 146 -27.26 1.57 22.97
C ASN A 146 -26.99 0.31 23.81
N ASN A 147 -26.02 0.36 24.72
CA ASN A 147 -25.72 -0.75 25.62
C ASN A 147 -25.23 -1.97 24.84
N TYR A 148 -24.39 -1.74 23.81
CA TYR A 148 -23.82 -2.84 23.05
C TYR A 148 -22.89 -3.69 23.91
N LYS A 149 -22.98 -5.01 23.77
CA LYS A 149 -22.28 -5.93 24.66
C LYS A 149 -20.80 -6.08 24.29
N ARG A 150 -20.46 -5.79 23.03
CA ARG A 150 -19.09 -5.91 22.54
C ARG A 150 -18.65 -4.56 21.99
N ASN A 151 -18.94 -3.51 22.76
CA ASN A 151 -18.63 -2.15 22.33
C ASN A 151 -17.13 -1.94 22.22
N CYS A 152 -16.69 -1.22 21.17
N CYS A 152 -16.74 -1.07 21.28
CA CYS A 152 -15.33 -0.70 21.04
CA CYS A 152 -15.37 -0.73 20.99
C CYS A 152 -15.39 0.71 20.48
C CYS A 152 -15.31 0.70 20.44
N ALA A 153 -14.88 1.67 21.26
CA ALA A 153 -14.86 3.07 20.87
C ALA A 153 -13.70 3.35 19.91
N THR A 154 -13.92 4.28 18.97
CA THR A 154 -12.96 4.48 17.90
C THR A 154 -13.03 5.92 17.37
N PHE A 155 -11.89 6.44 16.94
CA PHE A 155 -11.80 7.73 16.27
C PHE A 155 -12.07 7.58 14.77
N ASN A 156 -12.54 8.66 14.14
CA ASN A 156 -12.68 8.70 12.69
C ASN A 156 -11.33 9.08 12.10
N PRO A 157 -11.17 9.06 10.76
CA PRO A 157 -9.87 9.31 10.14
C PRO A 157 -9.19 10.64 10.44
N THR A 158 -9.95 11.68 10.80
CA THR A 158 -9.40 13.00 11.04
C THR A 158 -9.39 13.32 12.54
N ASP A 159 -9.79 12.37 13.38
CA ASP A 159 -9.70 12.46 14.84
C ASP A 159 -10.71 13.46 15.41
N ASP A 160 -11.64 13.98 14.59
CA ASP A 160 -12.58 14.98 15.08
C ASP A 160 -13.77 14.32 15.75
N LEU A 161 -14.07 13.09 15.31
CA LEU A 161 -15.25 12.38 15.75
C LEU A 161 -14.87 11.07 16.43
N VAL A 162 -15.77 10.59 17.28
CA VAL A 162 -15.66 9.30 17.93
C VAL A 162 -17.00 8.59 17.78
N LEU A 163 -16.92 7.29 17.52
CA LEU A 163 -18.09 6.42 17.61
C LEU A 163 -17.91 5.56 18.85
N ASN A 164 -18.85 5.68 19.80
CA ASN A 164 -18.87 4.88 21.00
C ASN A 164 -20.29 4.38 21.23
N ASP A 165 -20.44 3.05 21.27
CA ASP A 165 -21.72 2.46 21.61
C ASP A 165 -22.79 2.95 20.61
N GLY A 166 -22.41 3.10 19.34
CA GLY A 166 -23.33 3.50 18.29
C GLY A 166 -23.72 4.97 18.33
N VAL A 167 -22.99 5.76 19.12
CA VAL A 167 -23.25 7.18 19.29
C VAL A 167 -22.07 7.94 18.72
N LEU A 168 -22.36 8.95 17.89
CA LEU A 168 -21.35 9.78 17.26
C LEU A 168 -21.11 10.99 18.15
N TRP A 169 -19.84 11.20 18.51
CA TRP A 169 -19.46 12.30 19.38
C TRP A 169 -18.59 13.29 18.61
N ASP A 170 -18.84 14.58 18.80
CA ASP A 170 -17.85 15.58 18.43
C ASP A 170 -16.84 15.70 19.57
N VAL A 171 -15.55 15.44 19.27
CA VAL A 171 -14.52 15.38 20.30
C VAL A 171 -14.24 16.75 20.88
N ARG A 172 -14.17 17.78 20.04
CA ARG A 172 -13.87 19.14 20.49
C ARG A 172 -14.87 19.64 21.53
N SER A 173 -16.17 19.48 21.25
CA SER A 173 -17.22 19.98 22.12
C SER A 173 -17.57 18.95 23.18
N ALA A 174 -17.09 17.71 22.98
CA ALA A 174 -17.42 16.56 23.81
C ALA A 174 -18.93 16.39 23.90
N GLN A 175 -19.60 16.55 22.75
CA GLN A 175 -21.05 16.43 22.67
C GLN A 175 -21.43 15.29 21.74
N ALA A 176 -22.44 14.52 22.14
CA ALA A 176 -23.03 13.52 21.28
C ALA A 176 -23.86 14.23 20.22
N ILE A 177 -23.58 13.98 18.94
CA ILE A 177 -24.25 14.68 17.86
C ILE A 177 -25.28 13.79 17.18
N HIS A 178 -25.16 12.46 17.32
CA HIS A 178 -26.16 11.58 16.73
C HIS A 178 -26.08 10.20 17.37
N LYS A 179 -27.26 9.63 17.67
CA LYS A 179 -27.34 8.24 18.06
C LYS A 179 -27.88 7.42 16.88
N PHE A 180 -27.11 6.39 16.48
CA PHE A 180 -27.57 5.45 15.48
C PHE A 180 -28.44 4.38 16.16
N ASP A 181 -29.62 4.11 15.58
CA ASP A 181 -30.57 3.19 16.17
C ASP A 181 -29.97 1.79 16.32
N LYS A 182 -30.45 1.05 17.33
CA LYS A 182 -29.92 -0.28 17.61
C LYS A 182 -30.64 -1.33 16.76
N PHE A 183 -29.84 -2.18 16.09
CA PHE A 183 -30.34 -3.26 15.27
C PHE A 183 -29.75 -4.61 15.72
N ASN A 184 -28.85 -4.63 16.72
CA ASN A 184 -28.21 -5.85 17.21
C ASN A 184 -27.72 -5.65 18.64
N MET A 185 -27.35 -6.75 19.31
N MET A 185 -27.35 -6.74 19.33
CA MET A 185 -27.04 -6.74 20.73
CA MET A 185 -27.05 -6.66 20.76
C MET A 185 -25.58 -6.37 21.02
C MET A 185 -25.56 -6.43 21.04
N ASN A 186 -24.68 -6.61 20.06
CA ASN A 186 -23.25 -6.72 20.34
C ASN A 186 -22.38 -5.67 19.66
N ILE A 187 -22.48 -5.53 18.33
CA ILE A 187 -21.50 -4.81 17.53
C ILE A 187 -21.85 -3.31 17.51
N SER A 188 -20.85 -2.45 17.80
CA SER A 188 -21.07 -1.02 17.95
C SER A 188 -20.61 -0.20 16.73
N GLY A 189 -19.70 -0.75 15.93
CA GLY A 189 -19.39 -0.18 14.62
C GLY A 189 -18.05 0.56 14.52
N VAL A 190 -17.73 0.92 13.28
CA VAL A 190 -16.47 1.56 12.93
C VAL A 190 -16.71 2.58 11.82
N PHE A 191 -15.70 3.42 11.60
CA PHE A 191 -15.71 4.33 10.49
C PHE A 191 -15.04 3.68 9.29
N HIS A 192 -15.62 3.90 8.11
CA HIS A 192 -14.94 3.59 6.88
C HIS A 192 -13.75 4.54 6.75
N PRO A 193 -12.57 4.08 6.28
CA PRO A 193 -11.45 4.98 6.07
C PRO A 193 -11.71 6.13 5.10
N ASN A 194 -12.78 6.06 4.30
CA ASN A 194 -13.08 7.18 3.40
C ASN A 194 -13.60 8.41 4.17
N GLY A 195 -14.00 8.24 5.43
CA GLY A 195 -14.41 9.37 6.27
C GLY A 195 -15.87 9.77 6.02
N LEU A 196 -16.59 8.98 5.19
CA LEU A 196 -17.90 9.38 4.71
C LEU A 196 -19.00 8.49 5.28
N GLU A 197 -18.62 7.30 5.73
CA GLU A 197 -19.57 6.27 6.11
C GLU A 197 -19.20 5.67 7.46
N VAL A 198 -20.24 5.18 8.15
CA VAL A 198 -20.11 4.45 9.39
C VAL A 198 -20.74 3.08 9.18
N ILE A 199 -20.00 2.06 9.61
CA ILE A 199 -20.37 0.67 9.42
C ILE A 199 -20.70 0.12 10.80
N ILE A 200 -21.99 -0.10 11.07
CA ILE A 200 -22.44 -0.59 12.37
C ILE A 200 -23.15 -1.93 12.15
N ASN A 201 -22.41 -3.01 12.40
CA ASN A 201 -22.91 -4.35 12.15
C ASN A 201 -23.27 -4.44 10.67
N THR A 202 -24.56 -4.68 10.35
CA THR A 202 -24.97 -4.86 8.96
C THR A 202 -25.37 -3.52 8.32
N GLU A 203 -25.48 -2.45 9.10
CA GLU A 203 -25.99 -1.18 8.58
C GLU A 203 -24.81 -0.29 8.17
N ILE A 204 -24.90 0.29 6.96
CA ILE A 204 -23.95 1.30 6.51
C ILE A 204 -24.67 2.65 6.51
N TRP A 205 -24.19 3.59 7.33
CA TRP A 205 -24.80 4.89 7.47
C TRP A 205 -23.97 5.96 6.78
N ASP A 206 -24.65 6.88 6.10
CA ASP A 206 -24.00 8.07 5.58
C ASP A 206 -23.78 9.03 6.73
N LEU A 207 -22.54 9.54 6.83
CA LEU A 207 -22.15 10.37 7.96
C LEU A 207 -22.70 11.79 7.82
N ARG A 208 -22.99 12.22 6.58
CA ARG A 208 -23.53 13.54 6.34
C ARG A 208 -25.02 13.58 6.72
N THR A 209 -25.80 12.64 6.19
CA THR A 209 -27.25 12.71 6.25
C THR A 209 -27.79 11.88 7.42
N PHE A 210 -26.96 10.97 7.92
CA PHE A 210 -27.35 9.92 8.85
C PHE A 210 -28.37 8.96 8.22
N HIS A 211 -28.47 8.95 6.88
CA HIS A 211 -29.34 8.01 6.19
C HIS A 211 -28.68 6.65 6.03
N LEU A 212 -29.52 5.61 5.98
CA LEU A 212 -29.07 4.27 5.69
C LEU A 212 -28.74 4.16 4.21
N LEU A 213 -27.50 3.73 3.91
CA LEU A 213 -27.00 3.65 2.55
C LEU A 213 -27.13 2.23 2.04
N HIS A 214 -26.71 1.25 2.86
CA HIS A 214 -26.77 -0.15 2.49
C HIS A 214 -26.99 -1.00 3.74
N THR A 215 -27.51 -2.21 3.49
CA THR A 215 -27.57 -3.28 4.47
C THR A 215 -26.72 -4.43 3.94
N VAL A 216 -25.78 -4.92 4.75
CA VAL A 216 -24.89 -5.99 4.34
C VAL A 216 -25.01 -7.14 5.32
N PRO A 217 -25.93 -8.10 5.09
CA PRO A 217 -26.20 -9.20 6.04
C PRO A 217 -24.99 -10.00 6.49
N ALA A 218 -24.00 -10.15 5.61
CA ALA A 218 -22.83 -10.97 5.85
C ALA A 218 -21.94 -10.40 6.97
N LEU A 219 -22.12 -9.12 7.31
CA LEU A 219 -21.34 -8.49 8.35
C LEU A 219 -21.89 -8.70 9.75
N ASP A 220 -23.00 -9.43 9.91
CA ASP A 220 -23.62 -9.62 11.21
C ASP A 220 -22.61 -10.23 12.19
N GLN A 221 -22.45 -9.58 13.35
CA GLN A 221 -21.58 -10.03 14.42
C GLN A 221 -20.10 -10.04 14.01
N CYS A 222 -19.72 -9.27 12.99
CA CYS A 222 -18.33 -9.27 12.57
C CYS A 222 -17.52 -8.13 13.19
N ARG A 223 -16.28 -8.44 13.57
CA ARG A 223 -15.23 -7.45 13.67
C ARG A 223 -14.70 -7.25 12.24
N VAL A 224 -14.29 -6.02 11.93
CA VAL A 224 -13.80 -5.71 10.59
C VAL A 224 -12.46 -4.97 10.67
N VAL A 225 -11.63 -5.19 9.66
CA VAL A 225 -10.42 -4.41 9.51
C VAL A 225 -10.23 -4.17 8.02
N PHE A 226 -9.75 -2.97 7.68
CA PHE A 226 -9.42 -2.63 6.30
C PHE A 226 -7.94 -2.81 6.05
N ASN A 227 -7.58 -3.08 4.79
CA ASN A 227 -6.17 -3.03 4.42
C ASN A 227 -5.74 -1.56 4.53
N HIS A 228 -4.43 -1.35 4.49
CA HIS A 228 -3.91 0.01 4.70
C HIS A 228 -4.38 0.96 3.61
N THR A 229 -4.47 0.48 2.37
CA THR A 229 -4.83 1.30 1.23
C THR A 229 -6.34 1.53 1.16
N GLY A 230 -7.10 0.84 2.01
CA GLY A 230 -8.55 1.03 2.14
C GLY A 230 -9.36 0.48 0.96
N THR A 231 -8.87 -0.58 0.30
CA THR A 231 -9.59 -1.11 -0.86
C THR A 231 -10.35 -2.40 -0.52
N VAL A 232 -9.95 -3.07 0.56
CA VAL A 232 -10.55 -4.32 0.96
C VAL A 232 -10.90 -4.27 2.45
N MET A 233 -12.07 -4.84 2.77
CA MET A 233 -12.48 -4.97 4.15
C MET A 233 -12.60 -6.46 4.48
N TYR A 234 -11.95 -6.84 5.59
CA TYR A 234 -12.01 -8.18 6.16
C TYR A 234 -13.00 -8.18 7.33
N GLY A 235 -13.87 -9.19 7.37
CA GLY A 235 -14.75 -9.40 8.50
C GLY A 235 -14.70 -10.84 8.97
N ALA A 236 -14.78 -11.03 10.29
CA ALA A 236 -14.90 -12.36 10.85
C ALA A 236 -15.95 -12.31 11.96
N MET A 237 -16.81 -13.33 11.98
CA MET A 237 -17.94 -13.33 12.88
C MET A 237 -17.47 -13.77 14.27
N LEU A 238 -17.83 -12.99 15.28
CA LEU A 238 -17.53 -13.37 16.64
C LEU A 238 -18.24 -14.68 16.99
N GLN A 239 -17.61 -15.45 17.87
CA GLN A 239 -18.31 -16.55 18.53
C GLN A 239 -19.26 -15.99 19.59
N ALA A 240 -20.40 -16.66 19.80
CA ALA A 240 -21.33 -16.31 20.87
C ALA A 240 -20.72 -16.69 22.22
N MET A 251 -9.45 -19.36 27.47
CA MET A 251 -8.63 -19.14 26.24
C MET A 251 -9.43 -19.61 25.01
N LYS A 252 -10.65 -19.07 24.85
CA LYS A 252 -11.51 -19.38 23.73
C LYS A 252 -11.26 -18.39 22.59
N SER A 253 -11.26 -18.89 21.35
CA SER A 253 -11.11 -18.03 20.19
C SER A 253 -12.25 -17.02 20.14
N PRO A 254 -11.93 -15.76 19.83
CA PRO A 254 -12.95 -14.74 19.59
C PRO A 254 -13.82 -15.06 18.37
N PHE A 255 -13.23 -15.69 17.36
CA PHE A 255 -13.90 -15.89 16.09
C PHE A 255 -14.10 -17.37 15.79
N GLY A 256 -14.94 -17.61 14.78
CA GLY A 256 -15.12 -18.93 14.22
C GLY A 256 -13.98 -19.25 13.27
N SER A 257 -14.28 -20.09 12.28
CA SER A 257 -13.27 -20.61 11.37
C SER A 257 -13.24 -19.86 10.04
N SER A 258 -14.08 -18.84 9.87
CA SER A 258 -14.20 -18.20 8.58
C SER A 258 -13.99 -16.69 8.70
N PHE A 259 -13.45 -16.11 7.63
CA PHE A 259 -13.44 -14.68 7.47
C PHE A 259 -13.88 -14.38 6.04
N ARG A 260 -14.39 -13.18 5.83
CA ARG A 260 -14.92 -12.79 4.54
C ARG A 260 -14.27 -11.47 4.14
N THR A 261 -14.07 -11.31 2.82
CA THR A 261 -13.59 -10.05 2.26
C THR A 261 -14.68 -9.39 1.44
N PHE A 262 -14.59 -8.06 1.39
CA PHE A 262 -15.53 -7.21 0.70
C PHE A 262 -14.73 -6.10 0.04
N ASN A 263 -15.21 -5.69 -1.14
CA ASN A 263 -14.71 -4.51 -1.82
C ASN A 263 -15.13 -3.28 -1.02
N ALA A 264 -14.15 -2.49 -0.57
CA ALA A 264 -14.42 -1.37 0.32
C ALA A 264 -15.14 -0.23 -0.38
N THR A 265 -15.15 -0.21 -1.72
CA THR A 265 -15.72 0.89 -2.45
C THR A 265 -17.23 0.68 -2.65
N ASP A 266 -17.70 -0.57 -2.66
CA ASP A 266 -19.11 -0.84 -2.94
C ASP A 266 -19.71 -1.94 -2.05
N TYR A 267 -18.94 -2.47 -1.09
CA TYR A 267 -19.37 -3.46 -0.10
C TYR A 267 -19.75 -4.79 -0.73
N LYS A 268 -19.41 -5.01 -2.01
CA LYS A 268 -19.71 -6.26 -2.68
C LYS A 268 -18.77 -7.32 -2.12
N PRO A 269 -19.27 -8.55 -1.84
CA PRO A 269 -18.42 -9.66 -1.41
C PRO A 269 -17.35 -10.03 -2.43
N ILE A 270 -16.15 -10.34 -1.95
CA ILE A 270 -15.07 -10.83 -2.80
C ILE A 270 -14.90 -12.32 -2.56
N ALA A 271 -14.61 -12.69 -1.31
CA ALA A 271 -14.26 -14.06 -0.98
C ALA A 271 -14.77 -14.42 0.41
N THR A 272 -15.10 -15.71 0.56
CA THR A 272 -15.36 -16.31 1.86
C THR A 272 -14.30 -17.39 2.09
N ILE A 273 -13.51 -17.23 3.15
CA ILE A 273 -12.40 -18.13 3.42
C ILE A 273 -12.68 -18.89 4.72
N ASP A 274 -12.85 -20.22 4.59
CA ASP A 274 -13.03 -21.06 5.76
C ASP A 274 -11.73 -21.84 5.98
N VAL A 275 -11.01 -21.48 7.06
CA VAL A 275 -9.72 -22.08 7.35
C VAL A 275 -9.93 -23.38 8.14
N LYS A 276 -11.19 -23.70 8.48
CA LYS A 276 -11.60 -24.92 9.16
C LYS A 276 -10.95 -25.02 10.55
N ARG A 277 -10.38 -23.91 11.04
CA ARG A 277 -9.77 -23.84 12.35
C ARG A 277 -10.20 -22.52 12.98
N ASN A 278 -10.35 -22.46 14.30
CA ASN A 278 -10.78 -21.22 14.94
C ASN A 278 -9.72 -20.14 14.79
N ILE A 279 -10.16 -18.93 14.39
CA ILE A 279 -9.31 -17.79 14.16
C ILE A 279 -9.21 -16.95 15.43
N PHE A 280 -7.99 -16.55 15.78
CA PHE A 280 -7.76 -15.63 16.89
C PHE A 280 -7.56 -14.19 16.42
N ASP A 281 -6.94 -14.00 15.27
CA ASP A 281 -6.64 -12.65 14.82
C ASP A 281 -6.21 -12.70 13.36
N LEU A 282 -6.24 -11.53 12.73
CA LEU A 282 -5.62 -11.40 11.42
C LEU A 282 -5.18 -9.95 11.22
N CYS A 283 -4.17 -9.80 10.36
CA CYS A 283 -3.65 -8.48 10.06
C CYS A 283 -2.97 -8.49 8.70
N THR A 284 -2.79 -7.30 8.12
N THR A 284 -2.71 -7.30 8.18
CA THR A 284 -2.06 -7.15 6.86
CA THR A 284 -2.04 -7.16 6.91
C THR A 284 -0.84 -6.26 7.11
C THR A 284 -0.85 -6.23 7.09
N ASP A 285 0.17 -6.40 6.24
CA ASP A 285 1.39 -5.61 6.33
C ASP A 285 1.12 -4.22 5.78
N THR A 286 2.09 -3.32 5.98
N THR A 286 2.08 -3.30 6.00
CA THR A 286 1.92 -1.92 5.62
CA THR A 286 1.97 -1.91 5.61
C THR A 286 1.66 -1.78 4.12
C THR A 286 1.64 -1.80 4.12
N LYS A 287 2.27 -2.64 3.30
CA LYS A 287 2.14 -2.59 1.86
C LYS A 287 0.98 -3.47 1.35
N ASP A 288 0.24 -4.10 2.26
CA ASP A 288 -0.96 -4.88 1.96
C ASP A 288 -0.69 -6.05 1.00
N CYS A 289 0.53 -6.59 1.05
N CYS A 289 0.50 -6.61 1.11
CA CYS A 289 0.94 -7.71 0.23
CA CYS A 289 0.94 -7.70 0.26
C CYS A 289 0.54 -9.03 0.89
C CYS A 289 0.62 -9.05 0.89
N TYR A 290 0.59 -9.04 2.23
CA TYR A 290 0.48 -10.27 3.00
C TYR A 290 -0.67 -10.18 3.99
N LEU A 291 -1.18 -11.36 4.36
CA LEU A 291 -2.13 -11.50 5.43
C LEU A 291 -1.56 -12.51 6.42
N ALA A 292 -1.52 -12.13 7.70
CA ALA A 292 -1.14 -13.06 8.74
C ALA A 292 -2.39 -13.41 9.53
N VAL A 293 -2.58 -14.70 9.81
CA VAL A 293 -3.76 -15.17 10.54
C VAL A 293 -3.28 -16.08 11.66
N ILE A 294 -3.80 -15.91 12.86
CA ILE A 294 -3.56 -16.81 13.98
CA ILE A 294 -3.54 -16.83 13.96
C ILE A 294 -4.72 -17.79 14.03
N GLU A 295 -4.42 -19.09 13.97
CA GLU A 295 -5.44 -20.12 13.94
C GLU A 295 -5.07 -21.19 14.96
N ASN A 296 -6.09 -21.78 15.60
CA ASN A 296 -5.83 -22.87 16.53
C ASN A 296 -5.73 -24.17 15.73
N GLN A 297 -4.74 -24.99 16.04
CA GLN A 297 -4.58 -26.24 15.32
C GLN A 297 -5.55 -27.30 15.81
N GLY A 298 -5.81 -28.27 14.93
CA GLY A 298 -6.35 -29.56 15.34
C GLY A 298 -7.72 -29.85 14.75
N SER A 299 -8.67 -28.96 15.08
CA SER A 299 -10.08 -29.17 14.78
C SER A 299 -10.87 -28.01 15.37
N MET A 300 -12.09 -27.82 14.84
CA MET A 300 -12.99 -26.79 15.31
C MET A 300 -13.22 -26.91 16.81
N ASP A 301 -13.13 -25.76 17.50
CA ASP A 301 -13.51 -25.59 18.89
C ASP A 301 -12.64 -26.46 19.80
N ALA A 302 -11.39 -26.69 19.37
CA ALA A 302 -10.44 -27.47 20.12
C ALA A 302 -10.28 -26.89 21.53
N LEU A 303 -9.99 -27.77 22.48
CA LEU A 303 -9.87 -27.43 23.89
C LEU A 303 -8.42 -27.00 24.13
N ASN A 304 -7.51 -27.85 23.64
CA ASN A 304 -6.10 -27.57 23.47
C ASN A 304 -5.93 -26.19 22.81
N MET A 305 -5.16 -25.32 23.50
CA MET A 305 -4.63 -24.09 22.93
C MET A 305 -3.27 -24.40 22.29
N ASP A 306 -3.19 -24.36 20.96
CA ASP A 306 -1.96 -24.67 20.27
C ASP A 306 -2.02 -23.97 18.91
N THR A 307 -1.79 -22.66 18.90
CA THR A 307 -2.03 -21.84 17.71
C THR A 307 -0.80 -21.81 16.80
N VAL A 308 -1.07 -21.54 15.53
CA VAL A 308 -0.02 -21.21 14.57
C VAL A 308 -0.34 -19.86 13.96
N CYS A 309 0.70 -19.19 13.49
CA CYS A 309 0.56 -18.07 12.59
C CYS A 309 0.75 -18.56 11.17
N ARG A 310 -0.24 -18.30 10.31
N ARG A 310 -0.27 -18.34 10.33
CA ARG A 310 -0.12 -18.63 8.90
CA ARG A 310 -0.17 -18.60 8.91
C ARG A 310 -0.04 -17.34 8.09
C ARG A 310 0.06 -17.27 8.21
N LEU A 311 1.00 -17.24 7.26
CA LEU A 311 1.22 -16.07 6.42
C LEU A 311 0.75 -16.44 5.00
N TYR A 312 -0.10 -15.60 4.43
CA TYR A 312 -0.53 -15.73 3.05
C TYR A 312 -0.10 -14.50 2.24
N GLU A 313 0.06 -14.69 0.93
CA GLU A 313 0.21 -13.59 0.00
C GLU A 313 -1.17 -13.28 -0.59
N VAL A 314 -1.56 -12.00 -0.59
CA VAL A 314 -2.91 -11.61 -0.98
C VAL A 314 -3.09 -11.77 -2.50
N ALA B 4 25.71 12.18 -2.87
CA ALA B 4 26.91 11.42 -3.28
C ALA B 4 26.52 10.37 -4.33
N PHE B 5 26.05 10.84 -5.50
CA PHE B 5 26.05 10.01 -6.68
C PHE B 5 27.43 10.09 -7.31
N ARG B 6 28.14 8.95 -7.25
CA ARG B 6 29.52 8.89 -7.68
C ARG B 6 29.53 8.26 -9.08
N PRO B 7 29.92 8.99 -10.15
CA PRO B 7 30.01 8.39 -11.47
C PRO B 7 31.11 7.33 -11.50
N ILE B 8 30.80 6.20 -12.14
CA ILE B 8 31.71 5.07 -12.25
C ILE B 8 32.20 4.99 -13.70
N SER B 9 31.25 4.95 -14.64
CA SER B 9 31.53 4.50 -16.00
C SER B 9 30.47 5.01 -16.97
N VAL B 10 30.69 4.76 -18.27
CA VAL B 10 29.74 5.18 -19.29
C VAL B 10 29.60 4.06 -20.33
N PHE B 11 28.39 3.96 -20.86
CA PHE B 11 28.09 3.11 -22.01
C PHE B 11 27.80 4.03 -23.20
N ARG B 12 28.43 3.72 -24.34
CA ARG B 12 28.22 4.46 -25.58
C ARG B 12 27.98 3.45 -26.70
N GLU B 13 27.20 3.85 -27.71
CA GLU B 13 27.01 3.05 -28.90
C GLU B 13 28.33 2.97 -29.66
N ALA B 14 28.90 1.76 -29.72
CA ALA B 14 30.04 1.50 -30.58
C ALA B 14 29.59 1.60 -32.03
N ASN B 15 30.53 1.91 -32.93
CA ASN B 15 30.30 1.91 -34.37
C ASN B 15 29.37 3.07 -34.76
N GLU B 16 29.34 4.12 -33.94
CA GLU B 16 28.54 5.31 -34.22
C GLU B 16 29.29 6.52 -33.65
N ASP B 17 29.47 7.55 -34.48
CA ASP B 17 30.12 8.78 -34.04
C ASP B 17 29.32 9.37 -32.87
N GLU B 18 27.99 9.48 -33.05
CA GLU B 18 27.10 9.94 -31.99
C GLU B 18 26.30 8.76 -31.45
N SER B 19 26.13 8.72 -30.12
CA SER B 19 25.33 7.71 -29.47
C SER B 19 23.87 8.17 -29.47
N GLY B 20 22.93 7.21 -29.46
CA GLY B 20 21.51 7.48 -29.62
C GLY B 20 20.63 6.78 -28.59
N PHE B 21 21.15 6.59 -27.36
CA PHE B 21 20.34 6.00 -26.31
C PHE B 21 19.21 6.95 -25.92
N THR B 22 18.03 6.39 -25.64
CA THR B 22 16.88 7.19 -25.24
C THR B 22 16.31 6.74 -23.89
N CYS B 23 16.38 5.45 -23.55
CA CYS B 23 15.86 5.00 -22.27
CA CYS B 23 15.81 4.93 -22.31
C CYS B 23 16.71 3.86 -21.72
N CYS B 24 16.52 3.57 -20.43
CA CYS B 24 17.35 2.63 -19.69
C CYS B 24 16.53 1.89 -18.64
N ALA B 25 16.85 0.62 -18.46
CA ALA B 25 16.36 -0.19 -17.35
C ALA B 25 17.38 -1.29 -17.08
N PHE B 26 17.54 -1.62 -15.80
CA PHE B 26 18.35 -2.78 -15.46
C PHE B 26 17.51 -4.02 -15.68
N SER B 27 18.15 -5.13 -16.12
CA SER B 27 17.51 -6.43 -16.17
C SER B 27 17.14 -6.84 -14.75
N ALA B 28 16.19 -7.79 -14.67
CA ALA B 28 15.61 -8.24 -13.42
C ALA B 28 16.71 -8.57 -12.40
N ARG B 29 17.72 -9.33 -12.85
CA ARG B 29 18.79 -9.80 -11.98
C ARG B 29 20.05 -8.93 -12.14
N GLU B 30 19.97 -7.86 -12.95
CA GLU B 30 20.95 -6.79 -12.96
C GLU B 30 22.28 -7.24 -13.60
N ARG B 31 22.26 -8.34 -14.36
CA ARG B 31 23.43 -8.75 -15.11
C ARG B 31 23.67 -7.75 -16.24
N PHE B 32 22.58 -7.22 -16.81
CA PHE B 32 22.69 -6.32 -17.94
C PHE B 32 21.82 -5.08 -17.75
N LEU B 33 22.27 -4.04 -18.45
CA LEU B 33 21.52 -2.82 -18.64
C LEU B 33 20.91 -2.86 -20.02
N MET B 34 19.61 -2.61 -20.09
CA MET B 34 18.87 -2.55 -21.33
C MET B 34 18.72 -1.09 -21.73
N LEU B 35 19.20 -0.75 -22.93
CA LEU B 35 19.14 0.61 -23.44
C LEU B 35 18.36 0.65 -24.76
N GLY B 36 17.25 1.39 -24.76
CA GLY B 36 16.54 1.69 -25.99
C GLY B 36 17.25 2.80 -26.76
N THR B 37 17.03 2.85 -28.09
CA THR B 37 17.71 3.84 -28.92
C THR B 37 16.70 4.61 -29.75
N CYS B 38 17.20 5.71 -30.32
CA CYS B 38 16.40 6.63 -31.12
C CYS B 38 16.00 6.03 -32.47
N THR B 39 16.57 4.87 -32.86
CA THR B 39 16.18 4.17 -34.08
C THR B 39 15.33 2.92 -33.79
N GLY B 40 14.95 2.71 -32.53
CA GLY B 40 14.02 1.67 -32.13
C GLY B 40 14.71 0.35 -31.78
N GLN B 41 16.02 0.40 -31.55
CA GLN B 41 16.78 -0.77 -31.14
C GLN B 41 16.76 -0.90 -29.62
N LEU B 42 16.75 -2.16 -29.16
CA LEU B 42 16.99 -2.50 -27.76
C LEU B 42 18.37 -3.10 -27.64
N LYS B 43 19.27 -2.47 -26.89
CA LYS B 43 20.64 -2.96 -26.77
C LYS B 43 20.87 -3.44 -25.34
N LEU B 44 21.54 -4.60 -25.20
CA LEU B 44 21.87 -5.16 -23.90
C LEU B 44 23.38 -4.97 -23.66
N TYR B 45 23.72 -4.39 -22.50
CA TYR B 45 25.10 -4.14 -22.12
C TYR B 45 25.40 -4.87 -20.82
N ASN B 46 26.55 -5.55 -20.76
CA ASN B 46 27.03 -6.16 -19.54
C ASN B 46 27.49 -5.04 -18.61
N VAL B 47 26.93 -4.99 -17.39
CA VAL B 47 27.20 -3.89 -16.49
C VAL B 47 28.66 -3.94 -16.03
N PHE B 48 29.20 -5.15 -15.85
CA PHE B 48 30.55 -5.32 -15.34
C PHE B 48 31.58 -4.97 -16.40
N SER B 49 31.50 -5.61 -17.58
CA SER B 49 32.47 -5.44 -18.64
C SER B 49 32.19 -4.20 -19.48
N GLY B 50 30.94 -3.73 -19.49
CA GLY B 50 30.55 -2.57 -20.29
C GLY B 50 30.32 -2.92 -21.76
N GLN B 51 30.36 -4.22 -22.09
CA GLN B 51 30.32 -4.66 -23.49
C GLN B 51 28.87 -4.87 -23.93
N GLU B 52 28.58 -4.45 -25.18
CA GLU B 52 27.29 -4.66 -25.82
C GLU B 52 27.16 -6.12 -26.23
N GLU B 53 26.10 -6.79 -25.73
CA GLU B 53 25.93 -8.22 -25.86
C GLU B 53 24.89 -8.58 -26.92
N ALA B 54 23.99 -7.63 -27.23
CA ALA B 54 22.93 -7.86 -28.19
C ALA B 54 22.28 -6.54 -28.59
N SER B 55 21.71 -6.53 -29.79
CA SER B 55 20.92 -5.41 -30.27
C SER B 55 19.71 -5.96 -31.01
N TYR B 56 18.52 -5.64 -30.52
CA TYR B 56 17.28 -6.17 -31.09
C TYR B 56 16.47 -5.06 -31.75
N ASN B 57 15.86 -5.41 -32.88
CA ASN B 57 15.01 -4.49 -33.61
C ASN B 57 13.61 -4.56 -33.02
N CYS B 58 13.21 -3.54 -32.24
CA CYS B 58 11.95 -3.56 -31.52
C CYS B 58 10.88 -2.70 -32.19
N HIS B 59 11.27 -1.51 -32.64
CA HIS B 59 10.33 -0.53 -33.20
C HIS B 59 11.01 0.21 -34.35
N ASN B 60 10.19 0.88 -35.19
CA ASN B 60 10.68 1.63 -36.32
C ASN B 60 10.90 3.10 -35.97
N SER B 61 10.73 3.45 -34.69
N SER B 61 10.74 3.45 -34.68
CA SER B 61 10.96 4.81 -34.21
CA SER B 61 10.93 4.81 -34.19
C SER B 61 11.58 4.75 -32.81
C SER B 61 11.53 4.74 -32.80
N ALA B 62 11.98 5.90 -32.28
CA ALA B 62 12.69 5.97 -31.01
C ALA B 62 11.91 5.26 -29.89
N ILE B 63 12.64 4.52 -29.06
CA ILE B 63 12.07 3.92 -27.86
C ILE B 63 11.96 5.01 -26.81
N THR B 64 10.77 5.16 -26.22
CA THR B 64 10.57 6.20 -25.22
C THR B 64 10.65 5.61 -23.83
N HIS B 65 10.29 4.34 -23.66
CA HIS B 65 10.12 3.80 -22.32
C HIS B 65 10.29 2.28 -22.37
N LEU B 66 10.87 1.74 -21.29
CA LEU B 66 11.14 0.32 -21.12
C LEU B 66 10.63 -0.05 -19.74
N GLU B 67 10.16 -1.30 -19.60
CA GLU B 67 9.93 -1.85 -18.27
C GLU B 67 10.12 -3.36 -18.30
N PRO B 68 11.15 -3.93 -17.62
CA PRO B 68 11.26 -5.38 -17.49
C PRO B 68 10.34 -5.88 -16.38
N SER B 69 9.76 -7.08 -16.58
CA SER B 69 9.04 -7.73 -15.50
C SER B 69 10.03 -8.16 -14.43
N ARG B 70 9.57 -8.20 -13.17
CA ARG B 70 10.41 -8.60 -12.04
C ARG B 70 10.95 -10.02 -12.18
N ASP B 71 10.21 -10.91 -12.85
CA ASP B 71 10.60 -12.30 -12.94
C ASP B 71 11.63 -12.52 -14.06
N GLY B 72 11.96 -11.47 -14.83
CA GLY B 72 12.97 -11.57 -15.87
C GLY B 72 12.46 -12.14 -17.20
N SER B 73 11.16 -12.50 -17.28
CA SER B 73 10.65 -13.22 -18.44
C SER B 73 10.15 -12.29 -19.56
N LEU B 74 9.82 -11.03 -19.22
CA LEU B 74 9.09 -10.15 -20.11
C LEU B 74 9.68 -8.73 -20.10
N LEU B 75 9.42 -8.01 -21.19
CA LEU B 75 9.81 -6.62 -21.32
C LEU B 75 8.69 -5.86 -22.02
N LEU B 76 8.34 -4.68 -21.49
CA LEU B 76 7.50 -3.74 -22.21
C LEU B 76 8.37 -2.68 -22.86
N THR B 77 8.00 -2.29 -24.09
CA THR B 77 8.59 -1.15 -24.75
C THR B 77 7.48 -0.25 -25.27
N SER B 78 7.79 1.04 -25.38
CA SER B 78 6.97 2.01 -26.09
C SER B 78 7.83 2.84 -27.04
N ALA B 79 7.24 3.31 -28.15
CA ALA B 79 7.97 4.13 -29.11
C ALA B 79 7.23 5.44 -29.38
N THR B 80 7.80 6.30 -30.23
N THR B 80 7.85 6.33 -30.17
CA THR B 80 7.38 7.70 -30.33
CA THR B 80 7.36 7.69 -30.35
C THR B 80 6.28 7.89 -31.38
C THR B 80 6.11 7.67 -31.25
N TRP B 81 6.25 7.04 -32.41
CA TRP B 81 5.19 7.13 -33.41
C TRP B 81 5.14 5.86 -34.25
N SER B 82 4.30 5.91 -35.28
CA SER B 82 4.02 4.76 -36.12
C SER B 82 3.39 3.67 -35.26
N GLN B 83 3.57 2.42 -35.68
CA GLN B 83 2.82 1.29 -35.15
C GLN B 83 3.70 0.05 -35.14
N PRO B 84 3.62 -0.82 -34.11
CA PRO B 84 2.81 -0.56 -32.92
C PRO B 84 3.53 0.39 -31.96
N LEU B 85 2.76 1.19 -31.22
CA LEU B 85 3.36 2.17 -30.33
C LEU B 85 4.00 1.46 -29.14
N SER B 86 3.40 0.34 -28.70
CA SER B 86 3.91 -0.37 -27.54
C SER B 86 3.90 -1.86 -27.81
N ALA B 87 4.80 -2.60 -27.16
CA ALA B 87 4.87 -4.04 -27.34
C ALA B 87 5.36 -4.73 -26.07
N LEU B 88 5.06 -6.02 -26.00
CA LEU B 88 5.54 -6.92 -24.97
C LEU B 88 6.43 -7.98 -25.61
N TRP B 89 7.63 -8.18 -25.02
CA TRP B 89 8.66 -9.04 -25.57
C TRP B 89 8.99 -10.14 -24.54
N GLY B 90 9.23 -11.36 -25.04
CA GLY B 90 9.78 -12.46 -24.27
C GLY B 90 11.29 -12.36 -24.14
N MET B 91 11.80 -12.58 -22.92
CA MET B 91 13.20 -12.36 -22.59
C MET B 91 13.91 -13.68 -22.25
N LYS B 92 13.22 -14.82 -22.41
CA LYS B 92 13.75 -16.12 -21.99
C LYS B 92 14.85 -16.56 -22.96
N SER B 93 14.58 -17.61 -23.75
CA SER B 93 15.59 -18.21 -24.61
C SER B 93 15.80 -17.35 -25.86
N VAL B 94 14.70 -17.12 -26.59
CA VAL B 94 14.73 -16.29 -27.79
C VAL B 94 13.99 -14.98 -27.49
N PHE B 95 14.58 -13.87 -27.92
CA PHE B 95 13.94 -12.57 -27.83
C PHE B 95 12.89 -12.46 -28.92
N ASP B 96 11.62 -12.32 -28.52
CA ASP B 96 10.50 -12.44 -29.44
C ASP B 96 9.38 -11.51 -28.99
N MET B 97 8.54 -11.08 -29.94
CA MET B 97 7.39 -10.26 -29.58
C MET B 97 6.25 -11.19 -29.14
N LYS B 98 5.70 -10.94 -27.94
CA LYS B 98 4.58 -11.72 -27.44
C LYS B 98 3.26 -11.10 -27.89
N HIS B 99 3.13 -9.78 -27.69
CA HIS B 99 1.92 -9.07 -28.05
C HIS B 99 2.28 -7.63 -28.42
N SER B 100 1.43 -7.00 -29.24
CA SER B 100 1.55 -5.58 -29.52
C SER B 100 0.37 -4.85 -28.93
N PHE B 101 0.59 -3.58 -28.57
CA PHE B 101 -0.43 -2.70 -28.03
C PHE B 101 -0.42 -1.49 -28.95
N THR B 102 -1.12 -1.62 -30.08
CA THR B 102 -0.83 -0.82 -31.25
C THR B 102 -1.10 0.66 -30.99
N GLU B 103 -2.14 0.97 -30.19
CA GLU B 103 -2.63 2.34 -30.06
C GLU B 103 -2.14 3.01 -28.77
N ASP B 104 -1.47 2.27 -27.88
CA ASP B 104 -1.07 2.81 -26.60
C ASP B 104 0.36 3.35 -26.63
N HIS B 105 0.51 4.65 -26.33
CA HIS B 105 1.81 5.30 -26.40
C HIS B 105 2.63 5.05 -25.13
N TYR B 106 1.98 4.58 -24.07
CA TYR B 106 2.68 4.26 -22.84
C TYR B 106 2.04 3.01 -22.24
N VAL B 107 2.86 2.16 -21.64
CA VAL B 107 2.41 0.92 -21.02
C VAL B 107 3.21 0.69 -19.73
N GLU B 108 2.53 0.06 -18.76
CA GLU B 108 3.13 -0.40 -17.52
C GLU B 108 2.58 -1.78 -17.20
N PHE B 109 3.37 -2.56 -16.46
CA PHE B 109 2.90 -3.79 -15.86
C PHE B 109 2.03 -3.44 -14.66
N SER B 110 1.08 -4.31 -14.34
CA SER B 110 0.51 -4.35 -13.00
C SER B 110 1.64 -4.57 -11.99
N LYS B 111 1.37 -4.25 -10.71
CA LYS B 111 2.44 -4.09 -9.75
C LYS B 111 2.55 -5.29 -8.82
N HIS B 112 1.44 -5.77 -8.27
CA HIS B 112 1.48 -6.76 -7.22
C HIS B 112 1.73 -8.13 -7.86
N SER B 113 0.80 -8.55 -8.72
N SER B 113 0.80 -8.52 -8.73
CA SER B 113 1.02 -9.68 -9.59
CA SER B 113 0.96 -9.67 -9.59
C SER B 113 1.09 -9.14 -11.01
C SER B 113 1.07 -9.15 -11.02
N GLN B 114 2.21 -9.40 -11.69
CA GLN B 114 2.45 -8.83 -13.00
C GLN B 114 1.80 -9.70 -14.06
N ASP B 115 0.45 -9.76 -14.05
CA ASP B 115 -0.29 -10.58 -14.99
C ASP B 115 -1.02 -9.71 -16.00
N ARG B 116 -0.89 -8.38 -15.87
CA ARG B 116 -1.64 -7.45 -16.69
C ARG B 116 -0.72 -6.32 -17.16
N VAL B 117 -1.15 -5.68 -18.24
CA VAL B 117 -0.53 -4.46 -18.74
C VAL B 117 -1.59 -3.37 -18.76
N ILE B 118 -1.20 -2.17 -18.36
CA ILE B 118 -2.08 -1.03 -18.51
C ILE B 118 -1.43 -0.08 -19.50
N GLY B 119 -2.19 0.19 -20.57
CA GLY B 119 -1.78 1.11 -21.63
C GLY B 119 -2.56 2.41 -21.60
N THR B 120 -1.92 3.48 -22.10
CA THR B 120 -2.56 4.77 -22.18
C THR B 120 -2.67 5.19 -23.65
N LYS B 121 -3.87 5.61 -24.04
CA LYS B 121 -4.09 6.30 -25.31
C LYS B 121 -4.83 7.61 -25.03
N GLY B 122 -4.10 8.74 -25.09
CA GLY B 122 -4.67 10.02 -24.69
C GLY B 122 -5.18 9.96 -23.26
N ASP B 123 -6.49 10.27 -23.11
N ASP B 123 -6.46 10.29 -23.03
CA ASP B 123 -7.17 10.33 -21.83
CA ASP B 123 -6.99 10.27 -21.68
C ASP B 123 -7.69 8.94 -21.41
C ASP B 123 -7.70 8.94 -21.41
N ILE B 124 -7.41 7.89 -22.21
CA ILE B 124 -8.05 6.58 -22.04
C ILE B 124 -7.06 5.55 -21.52
N ALA B 125 -7.49 4.72 -20.54
CA ALA B 125 -6.71 3.57 -20.08
C ALA B 125 -7.27 2.28 -20.66
N HIS B 126 -6.36 1.42 -21.09
CA HIS B 126 -6.69 0.07 -21.51
C HIS B 126 -5.94 -0.93 -20.63
N ILE B 127 -6.62 -1.98 -20.16
CA ILE B 127 -5.97 -3.03 -19.40
C ILE B 127 -6.02 -4.32 -20.21
N TYR B 128 -4.85 -4.98 -20.35
CA TYR B 128 -4.72 -6.17 -21.16
C TYR B 128 -4.22 -7.33 -20.31
N ASP B 129 -4.60 -8.55 -20.72
CA ASP B 129 -4.07 -9.77 -20.14
C ASP B 129 -2.72 -10.06 -20.80
N ILE B 130 -1.71 -10.41 -20.01
CA ILE B 130 -0.38 -10.67 -20.55
C ILE B 130 -0.37 -11.93 -21.43
N GLN B 131 -1.15 -12.94 -21.05
CA GLN B 131 -1.05 -14.23 -21.72
C GLN B 131 -1.70 -14.16 -23.11
N THR B 132 -2.96 -13.72 -23.14
CA THR B 132 -3.75 -13.69 -24.36
C THR B 132 -3.46 -12.41 -25.14
N GLY B 133 -3.11 -11.33 -24.42
CA GLY B 133 -2.97 -10.01 -25.00
C GLY B 133 -4.33 -9.33 -25.18
N ASN B 134 -5.41 -9.99 -24.76
CA ASN B 134 -6.76 -9.46 -24.94
C ASN B 134 -7.00 -8.23 -24.06
N LYS B 135 -7.76 -7.27 -24.58
CA LYS B 135 -8.19 -6.14 -23.78
C LYS B 135 -9.31 -6.57 -22.82
N LEU B 136 -9.05 -6.42 -21.52
CA LEU B 136 -9.97 -6.81 -20.46
C LEU B 136 -10.89 -5.66 -20.06
N LEU B 137 -10.37 -4.43 -20.06
CA LEU B 137 -11.11 -3.28 -19.58
C LEU B 137 -10.65 -2.03 -20.32
N THR B 138 -11.60 -1.11 -20.54
CA THR B 138 -11.33 0.26 -20.93
C THR B 138 -11.86 1.16 -19.82
N LEU B 139 -11.00 2.05 -19.31
CA LEU B 139 -11.39 2.96 -18.25
C LEU B 139 -11.37 4.37 -18.82
N PHE B 140 -12.57 4.94 -18.95
CA PHE B 140 -12.73 6.31 -19.35
C PHE B 140 -14.11 6.77 -18.90
N ASN B 141 -14.16 7.87 -18.17
CA ASN B 141 -15.43 8.49 -17.80
C ASN B 141 -15.40 9.94 -18.29
N PRO B 142 -16.20 10.28 -19.31
CA PRO B 142 -16.13 11.60 -19.93
C PRO B 142 -16.58 12.70 -18.95
N ASP B 143 -17.39 12.32 -17.95
CA ASP B 143 -17.90 13.24 -16.95
C ASP B 143 -16.75 13.75 -16.07
N LEU B 144 -15.68 12.94 -15.95
CA LEU B 144 -14.64 13.19 -14.95
C LEU B 144 -13.29 13.53 -15.58
N ALA B 145 -13.20 13.56 -16.92
CA ALA B 145 -11.90 13.68 -17.59
C ALA B 145 -11.22 14.99 -17.25
N ASN B 146 -9.88 14.94 -17.08
CA ASN B 146 -9.08 16.13 -16.90
C ASN B 146 -8.39 16.55 -18.19
N ASN B 147 -8.30 15.63 -19.17
CA ASN B 147 -7.64 15.87 -20.43
C ASN B 147 -6.17 16.29 -20.25
N TYR B 148 -5.44 15.63 -19.35
CA TYR B 148 -4.02 15.87 -19.16
C TYR B 148 -3.25 15.55 -20.44
N LYS B 149 -2.38 16.47 -20.84
CA LYS B 149 -1.67 16.36 -22.11
C LYS B 149 -0.60 15.27 -22.09
N ARG B 150 -0.12 14.89 -20.90
N ARG B 150 -0.11 14.90 -20.90
CA ARG B 150 0.91 13.88 -20.76
CA ARG B 150 0.91 13.87 -20.77
C ARG B 150 0.40 12.76 -19.86
C ARG B 150 0.40 12.76 -19.85
N ASN B 151 -0.89 12.44 -19.98
CA ASN B 151 -1.52 11.42 -19.15
C ASN B 151 -0.79 10.08 -19.27
N CYS B 152 -0.60 9.41 -18.13
N CYS B 152 -0.74 9.34 -18.16
CA CYS B 152 -0.10 8.05 -18.07
CA CYS B 152 -0.07 8.06 -18.08
C CYS B 152 -0.88 7.31 -17.01
C CYS B 152 -0.73 7.20 -17.01
N ALA B 153 -1.64 6.30 -17.43
CA ALA B 153 -2.42 5.47 -16.53
C ALA B 153 -1.53 4.47 -15.80
N THR B 154 -1.89 4.15 -14.55
CA THR B 154 -1.02 3.36 -13.70
C THR B 154 -1.86 2.63 -12.67
N PHE B 155 -1.44 1.42 -12.33
CA PHE B 155 -2.00 0.68 -11.22
C PHE B 155 -1.39 1.17 -9.90
N ASN B 156 -2.15 1.04 -8.82
CA ASN B 156 -1.57 1.18 -7.49
C ASN B 156 -0.84 -0.10 -7.11
N PRO B 157 -0.07 -0.07 -6.01
CA PRO B 157 0.71 -1.24 -5.59
C PRO B 157 -0.04 -2.54 -5.44
N THR B 158 -1.33 -2.51 -5.08
CA THR B 158 -2.10 -3.72 -4.84
C THR B 158 -2.81 -4.17 -6.11
N ASP B 159 -2.78 -3.33 -7.16
CA ASP B 159 -3.50 -3.56 -8.41
C ASP B 159 -5.01 -3.45 -8.25
N ASP B 160 -5.51 -2.97 -7.11
CA ASP B 160 -6.94 -2.80 -6.92
C ASP B 160 -7.45 -1.52 -7.56
N LEU B 161 -6.55 -0.55 -7.72
CA LEU B 161 -6.93 0.78 -8.16
C LEU B 161 -6.10 1.16 -9.37
N VAL B 162 -6.68 2.06 -10.15
CA VAL B 162 -6.00 2.68 -11.26
C VAL B 162 -6.18 4.20 -11.15
N LEU B 163 -5.12 4.91 -11.50
CA LEU B 163 -5.18 6.34 -11.71
C LEU B 163 -5.03 6.56 -13.21
N ASN B 164 -6.03 7.21 -13.79
CA ASN B 164 -6.02 7.58 -15.20
C ASN B 164 -6.56 8.99 -15.36
N ASP B 165 -5.72 9.89 -15.89
CA ASP B 165 -6.13 11.24 -16.16
C ASP B 165 -6.62 11.93 -14.88
N GLY B 166 -5.98 11.59 -13.74
CA GLY B 166 -6.33 12.20 -12.46
C GLY B 166 -7.61 11.64 -11.85
N VAL B 167 -8.17 10.57 -12.43
CA VAL B 167 -9.37 9.92 -11.92
C VAL B 167 -8.96 8.59 -11.31
N LEU B 168 -9.46 8.35 -10.09
CA LEU B 168 -9.20 7.10 -9.40
C LEU B 168 -10.30 6.10 -9.74
N TRP B 169 -9.89 4.91 -10.18
CA TRP B 169 -10.80 3.82 -10.54
C TRP B 169 -10.63 2.64 -9.61
N ASP B 170 -11.77 2.02 -9.29
CA ASP B 170 -11.79 0.70 -8.69
C ASP B 170 -11.78 -0.33 -9.82
N VAL B 171 -10.69 -1.08 -9.94
CA VAL B 171 -10.52 -2.01 -11.06
C VAL B 171 -11.55 -3.12 -11.00
N ARG B 172 -11.85 -3.60 -9.79
N ARG B 172 -11.84 -3.61 -9.79
CA ARG B 172 -12.71 -4.77 -9.61
CA ARG B 172 -12.70 -4.76 -9.61
C ARG B 172 -14.13 -4.48 -10.09
C ARG B 172 -14.12 -4.48 -10.11
N SER B 173 -14.63 -3.26 -9.87
CA SER B 173 -15.97 -2.87 -10.28
C SER B 173 -15.94 -2.07 -11.59
N ALA B 174 -14.73 -1.69 -12.04
CA ALA B 174 -14.52 -0.79 -13.17
C ALA B 174 -15.37 0.47 -13.07
N GLN B 175 -15.42 1.05 -11.85
CA GLN B 175 -16.12 2.30 -11.59
C GLN B 175 -15.13 3.36 -11.11
N ALA B 176 -15.33 4.61 -11.55
CA ALA B 176 -14.58 5.74 -11.01
C ALA B 176 -15.02 6.00 -9.58
N ILE B 177 -14.05 6.10 -8.65
CA ILE B 177 -14.30 6.39 -7.24
C ILE B 177 -14.25 7.90 -6.99
N HIS B 178 -13.30 8.58 -7.64
CA HIS B 178 -13.03 9.97 -7.32
C HIS B 178 -12.29 10.62 -8.47
N LYS B 179 -12.67 11.87 -8.75
CA LYS B 179 -11.89 12.73 -9.63
C LYS B 179 -11.07 13.70 -8.79
N PHE B 180 -9.75 13.67 -9.00
CA PHE B 180 -8.91 14.75 -8.49
C PHE B 180 -8.90 15.89 -9.49
N ASP B 181 -9.13 17.12 -9.00
CA ASP B 181 -9.26 18.29 -9.86
C ASP B 181 -7.93 18.70 -10.49
N LYS B 182 -8.03 19.46 -11.60
CA LYS B 182 -6.91 19.76 -12.49
C LYS B 182 -6.23 21.07 -12.05
N PHE B 183 -4.95 20.98 -11.65
CA PHE B 183 -4.18 22.17 -11.31
C PHE B 183 -2.91 22.30 -12.16
N ASN B 184 -2.82 21.56 -13.27
CA ASN B 184 -1.75 21.74 -14.23
C ASN B 184 -2.23 21.16 -15.56
N MET B 185 -1.49 21.39 -16.64
CA MET B 185 -1.97 21.01 -17.96
C MET B 185 -1.53 19.60 -18.34
N ASN B 186 -0.50 19.03 -17.68
CA ASN B 186 0.26 17.94 -18.28
C ASN B 186 0.26 16.65 -17.46
N ILE B 187 0.64 16.74 -16.18
CA ILE B 187 0.94 15.59 -15.32
C ILE B 187 -0.33 15.03 -14.68
N SER B 188 -0.55 13.71 -14.82
CA SER B 188 -1.73 13.03 -14.33
C SER B 188 -1.54 12.35 -12.98
N GLY B 189 -0.29 12.09 -12.58
CA GLY B 189 0.00 11.59 -11.25
C GLY B 189 0.31 10.10 -11.15
N VAL B 190 0.79 9.73 -9.95
CA VAL B 190 1.16 8.38 -9.61
C VAL B 190 0.71 8.05 -8.19
N PHE B 191 0.72 6.76 -7.88
CA PHE B 191 0.56 6.28 -6.52
C PHE B 191 1.91 6.27 -5.82
N HIS B 192 1.91 6.72 -4.56
CA HIS B 192 3.07 6.55 -3.71
C HIS B 192 3.18 5.06 -3.39
N PRO B 193 4.38 4.46 -3.41
CA PRO B 193 4.52 3.06 -2.96
C PRO B 193 4.04 2.74 -1.55
N ASN B 194 3.86 3.77 -0.70
CA ASN B 194 3.40 3.59 0.68
C ASN B 194 1.92 3.19 0.75
N GLY B 195 1.21 3.30 -0.38
CA GLY B 195 -0.18 2.91 -0.49
C GLY B 195 -1.17 3.93 0.09
N LEU B 196 -0.70 5.05 0.62
CA LEU B 196 -1.58 5.94 1.37
C LEU B 196 -1.87 7.23 0.62
N GLU B 197 -1.05 7.52 -0.41
CA GLU B 197 -1.05 8.85 -1.00
C GLU B 197 -1.01 8.75 -2.51
N VAL B 198 -1.52 9.81 -3.15
N VAL B 198 -1.62 9.73 -3.19
CA VAL B 198 -1.50 10.00 -4.59
CA VAL B 198 -1.38 9.88 -4.61
C VAL B 198 -0.76 11.29 -4.89
C VAL B 198 -0.68 11.22 -4.80
N ILE B 199 0.26 11.20 -5.74
CA ILE B 199 1.11 12.34 -6.04
C ILE B 199 0.71 12.81 -7.41
N ILE B 200 -0.01 13.93 -7.49
CA ILE B 200 -0.40 14.48 -8.78
C ILE B 200 0.22 15.85 -8.95
N ASN B 201 1.32 15.90 -9.71
CA ASN B 201 2.07 17.12 -9.89
C ASN B 201 2.53 17.61 -8.52
N THR B 202 2.15 18.85 -8.12
CA THR B 202 2.57 19.44 -6.86
C THR B 202 1.65 19.02 -5.70
N GLU B 203 0.51 18.36 -5.98
CA GLU B 203 -0.45 18.01 -4.94
C GLU B 203 -0.25 16.59 -4.43
N ILE B 204 -0.16 16.45 -3.10
CA ILE B 204 -0.20 15.16 -2.44
C ILE B 204 -1.59 14.97 -1.82
N TRP B 205 -2.33 13.99 -2.34
CA TRP B 205 -3.67 13.71 -1.88
C TRP B 205 -3.69 12.45 -1.03
N ASP B 206 -4.54 12.47 -0.01
CA ASP B 206 -4.85 11.28 0.75
C ASP B 206 -5.67 10.34 -0.13
N LEU B 207 -5.17 9.12 -0.34
CA LEU B 207 -5.86 8.16 -1.20
C LEU B 207 -7.24 7.79 -0.67
N ARG B 208 -7.41 7.73 0.66
CA ARG B 208 -8.61 7.20 1.27
C ARG B 208 -9.67 8.27 1.48
N THR B 209 -9.26 9.46 1.97
CA THR B 209 -10.22 10.53 2.30
C THR B 209 -10.32 11.53 1.15
N PHE B 210 -9.29 11.58 0.30
CA PHE B 210 -9.16 12.48 -0.84
C PHE B 210 -8.81 13.91 -0.42
N HIS B 211 -8.53 14.16 0.86
CA HIS B 211 -8.13 15.49 1.29
C HIS B 211 -6.70 15.78 0.82
N LEU B 212 -6.43 17.07 0.55
CA LEU B 212 -5.07 17.50 0.30
C LEU B 212 -4.27 17.35 1.57
N LEU B 213 -3.06 16.78 1.46
CA LEU B 213 -2.14 16.59 2.57
C LEU B 213 -0.96 17.55 2.48
N HIS B 214 -0.39 17.72 1.28
CA HIS B 214 0.79 18.54 1.12
C HIS B 214 0.81 19.18 -0.27
N THR B 215 1.55 20.28 -0.36
CA THR B 215 1.89 20.90 -1.62
C THR B 215 3.41 20.83 -1.74
N VAL B 216 3.90 20.32 -2.88
CA VAL B 216 5.33 20.16 -3.05
C VAL B 216 5.73 20.88 -4.34
N PRO B 217 6.08 22.19 -4.29
CA PRO B 217 6.33 22.96 -5.51
C PRO B 217 7.37 22.34 -6.46
N ALA B 218 8.39 21.69 -5.88
CA ALA B 218 9.52 21.19 -6.65
C ALA B 218 9.12 20.01 -7.53
N LEU B 219 7.93 19.44 -7.33
CA LEU B 219 7.47 18.34 -8.16
C LEU B 219 6.73 18.82 -9.41
N ASP B 220 6.63 20.13 -9.62
CA ASP B 220 5.91 20.64 -10.78
C ASP B 220 6.52 20.10 -12.07
N GLN B 221 5.66 19.49 -12.90
CA GLN B 221 6.02 18.94 -14.21
C GLN B 221 7.03 17.79 -14.10
N CYS B 222 7.13 17.15 -12.94
CA CYS B 222 8.08 16.06 -12.78
C CYS B 222 7.47 14.69 -13.09
N ARG B 223 8.30 13.85 -13.71
CA ARG B 223 8.16 12.42 -13.60
C ARG B 223 8.98 11.95 -12.40
N VAL B 224 8.53 10.89 -11.75
CA VAL B 224 9.18 10.41 -10.55
C VAL B 224 9.41 8.92 -10.64
N VAL B 225 10.40 8.46 -9.89
CA VAL B 225 10.61 7.04 -9.66
C VAL B 225 11.16 6.90 -8.24
N PHE B 226 10.87 5.77 -7.59
CA PHE B 226 11.27 5.54 -6.22
C PHE B 226 12.37 4.50 -6.16
N ASN B 227 13.17 4.54 -5.09
CA ASN B 227 14.07 3.43 -4.80
C ASN B 227 13.21 2.24 -4.38
N HIS B 228 13.82 1.06 -4.28
CA HIS B 228 13.05 -0.16 -4.14
C HIS B 228 12.50 -0.28 -2.72
N THR B 229 13.09 0.43 -1.74
CA THR B 229 12.56 0.43 -0.39
C THR B 229 11.46 1.48 -0.23
N GLY B 230 11.39 2.42 -1.17
CA GLY B 230 10.35 3.46 -1.15
C GLY B 230 10.63 4.55 -0.12
N THR B 231 11.92 4.82 0.16
CA THR B 231 12.34 5.84 1.09
C THR B 231 12.84 7.09 0.36
N VAL B 232 13.17 6.95 -0.94
CA VAL B 232 13.69 8.06 -1.71
C VAL B 232 12.96 8.14 -3.04
N MET B 233 12.59 9.38 -3.43
CA MET B 233 11.91 9.65 -4.68
C MET B 233 12.82 10.53 -5.54
N TYR B 234 13.01 10.10 -6.79
CA TYR B 234 13.75 10.86 -7.79
C TYR B 234 12.75 11.58 -8.68
N GLY B 235 13.01 12.86 -8.98
CA GLY B 235 12.11 13.61 -9.83
C GLY B 235 12.89 14.46 -10.81
N ALA B 236 12.43 14.49 -12.06
CA ALA B 236 13.00 15.32 -13.09
C ALA B 236 11.87 16.04 -13.82
N MET B 237 12.12 17.32 -14.11
CA MET B 237 11.12 18.19 -14.69
C MET B 237 11.10 18.04 -16.22
N LEU B 238 9.91 17.79 -16.78
CA LEU B 238 9.75 17.75 -18.22
C LEU B 238 10.13 19.12 -18.80
N GLN B 239 10.73 19.09 -19.99
CA GLN B 239 10.90 20.29 -20.80
C GLN B 239 9.54 20.69 -21.37
N ALA B 240 9.33 21.99 -21.53
CA ALA B 240 8.08 22.52 -22.05
C ALA B 240 7.83 21.98 -23.46
N MET B 251 12.34 15.12 -31.33
CA MET B 251 13.35 14.19 -30.76
C MET B 251 14.20 14.90 -29.71
N LYS B 252 13.59 15.87 -29.00
CA LYS B 252 14.29 16.68 -28.01
C LYS B 252 14.34 15.90 -26.70
N SER B 253 15.23 16.34 -25.79
CA SER B 253 15.31 15.84 -24.43
C SER B 253 13.94 15.96 -23.77
N PRO B 254 13.38 14.87 -23.18
CA PRO B 254 12.14 14.96 -22.42
C PRO B 254 12.33 15.81 -21.16
N PHE B 255 13.55 15.80 -20.60
CA PHE B 255 13.80 16.47 -19.34
C PHE B 255 14.92 17.52 -19.52
N GLY B 256 15.09 18.33 -18.47
CA GLY B 256 16.18 19.28 -18.38
C GLY B 256 17.46 18.61 -17.87
N SER B 257 18.37 19.42 -17.32
CA SER B 257 19.73 18.99 -17.03
C SER B 257 19.90 18.63 -15.56
N SER B 258 18.82 18.57 -14.79
CA SER B 258 18.98 18.19 -13.39
C SER B 258 17.84 17.27 -12.96
N PHE B 259 18.11 16.50 -11.91
CA PHE B 259 17.07 15.81 -11.18
C PHE B 259 17.26 16.11 -9.70
N ARG B 260 16.24 15.77 -8.92
CA ARG B 260 16.24 15.99 -7.48
C ARG B 260 15.81 14.72 -6.76
N THR B 261 16.29 14.57 -5.54
CA THR B 261 15.85 13.51 -4.66
C THR B 261 15.09 14.13 -3.49
N PHE B 262 14.12 13.36 -3.00
CA PHE B 262 13.26 13.76 -1.92
C PHE B 262 13.13 12.59 -0.97
N ASN B 263 12.97 12.91 0.31
CA ASN B 263 12.58 11.95 1.32
C ASN B 263 11.14 11.57 1.02
N ALA B 264 10.88 10.27 0.81
CA ALA B 264 9.58 9.84 0.35
C ALA B 264 8.53 9.94 1.45
N THR B 265 8.96 10.04 2.72
CA THR B 265 8.03 10.04 3.84
C THR B 265 7.49 11.45 4.09
N ASP B 266 8.31 12.49 3.90
CA ASP B 266 7.89 13.84 4.24
C ASP B 266 8.04 14.81 3.05
N TYR B 267 8.51 14.32 1.90
CA TYR B 267 8.64 15.07 0.66
C TYR B 267 9.67 16.21 0.77
N LYS B 268 10.52 16.16 1.79
CA LYS B 268 11.58 17.16 1.92
C LYS B 268 12.73 16.81 0.97
N PRO B 269 13.24 17.80 0.19
CA PRO B 269 14.35 17.55 -0.73
C PRO B 269 15.60 17.08 -0.01
N ILE B 270 16.34 16.18 -0.67
CA ILE B 270 17.59 15.64 -0.15
C ILE B 270 18.73 16.25 -0.96
N ALA B 271 18.65 16.16 -2.29
CA ALA B 271 19.71 16.67 -3.16
C ALA B 271 19.15 17.19 -4.47
N THR B 272 19.87 18.15 -5.06
CA THR B 272 19.69 18.56 -6.44
C THR B 272 20.95 18.16 -7.19
N ILE B 273 20.80 17.33 -8.23
CA ILE B 273 21.92 16.80 -8.99
C ILE B 273 21.86 17.43 -10.38
N ASP B 274 22.79 18.35 -10.66
CA ASP B 274 22.85 19.05 -11.92
C ASP B 274 23.98 18.41 -12.74
N VAL B 275 23.60 17.57 -13.72
CA VAL B 275 24.60 16.83 -14.48
C VAL B 275 25.10 17.69 -15.65
N LYS B 276 24.49 18.87 -15.86
CA LYS B 276 24.96 19.87 -16.81
C LYS B 276 24.78 19.39 -18.26
N ARG B 277 23.92 18.39 -18.44
CA ARG B 277 23.60 17.81 -19.73
C ARG B 277 22.14 17.38 -19.66
N ASN B 278 21.38 17.53 -20.76
CA ASN B 278 19.97 17.18 -20.74
C ASN B 278 19.80 15.68 -20.51
N ILE B 279 18.76 15.35 -19.74
CA ILE B 279 18.51 13.99 -19.30
C ILE B 279 17.40 13.41 -20.17
N PHE B 280 17.60 12.15 -20.60
CA PHE B 280 16.58 11.41 -21.33
C PHE B 280 15.86 10.43 -20.41
N ASP B 281 16.55 9.85 -19.43
CA ASP B 281 15.93 8.82 -18.61
C ASP B 281 16.83 8.55 -17.42
N LEU B 282 16.28 7.88 -16.41
CA LEU B 282 17.09 7.34 -15.33
C LEU B 282 16.40 6.11 -14.73
N CYS B 283 17.21 5.29 -14.06
CA CYS B 283 16.74 4.03 -13.48
C CYS B 283 17.72 3.61 -12.38
N THR B 284 17.23 2.81 -11.43
CA THR B 284 18.12 2.17 -10.45
C THR B 284 17.88 0.66 -10.49
N ASP B 285 18.85 -0.07 -9.93
CA ASP B 285 18.80 -1.51 -9.85
C ASP B 285 17.98 -1.92 -8.61
N THR B 286 17.62 -3.20 -8.54
CA THR B 286 16.80 -3.74 -7.46
C THR B 286 17.39 -3.38 -6.10
N LYS B 287 18.73 -3.43 -5.99
CA LYS B 287 19.42 -3.28 -4.71
C LYS B 287 19.67 -1.80 -4.39
N ASP B 288 19.41 -0.91 -5.36
CA ASP B 288 19.68 0.51 -5.23
C ASP B 288 21.15 0.77 -4.91
N CYS B 289 22.04 -0.01 -5.53
CA CYS B 289 23.47 0.24 -5.49
C CYS B 289 23.91 1.13 -6.65
N TYR B 290 23.10 1.17 -7.73
CA TYR B 290 23.49 1.87 -8.94
C TYR B 290 22.36 2.76 -9.45
N LEU B 291 22.77 3.81 -10.15
CA LEU B 291 21.88 4.70 -10.87
C LEU B 291 22.45 4.83 -12.28
N ALA B 292 21.60 4.65 -13.29
CA ALA B 292 22.01 4.89 -14.66
C ALA B 292 21.20 6.05 -15.20
N VAL B 293 21.88 6.98 -15.89
CA VAL B 293 21.21 8.16 -16.41
C VAL B 293 21.61 8.31 -17.88
N ILE B 294 20.63 8.52 -18.76
CA ILE B 294 20.95 8.84 -20.14
C ILE B 294 21.06 10.36 -20.22
N GLU B 295 22.21 10.80 -20.71
CA GLU B 295 22.60 12.22 -20.70
C GLU B 295 23.11 12.56 -22.10
N ASN B 296 22.69 13.71 -22.64
CA ASN B 296 23.20 14.17 -23.90
C ASN B 296 24.60 14.76 -23.69
N GLN B 297 25.63 14.11 -24.25
CA GLN B 297 26.96 14.67 -24.27
C GLN B 297 27.03 15.89 -25.20
N GLY B 298 26.28 15.84 -26.31
CA GLY B 298 26.35 16.85 -27.36
C GLY B 298 25.22 17.86 -27.24
N MET B 305 21.77 14.39 -31.60
CA MET B 305 22.03 14.08 -30.16
C MET B 305 23.29 13.22 -30.06
N ASP B 306 23.96 13.26 -28.91
CA ASP B 306 24.99 12.30 -28.56
C ASP B 306 24.72 11.82 -27.13
N THR B 307 23.79 10.88 -27.00
CA THR B 307 23.27 10.51 -25.69
C THR B 307 23.94 9.23 -25.22
N VAL B 308 24.67 9.35 -24.10
CA VAL B 308 25.36 8.23 -23.50
C VAL B 308 24.64 7.85 -22.22
N CYS B 309 24.96 6.66 -21.71
CA CYS B 309 24.43 6.22 -20.43
C CYS B 309 25.55 6.23 -19.39
N ARG B 310 25.41 7.11 -18.39
CA ARG B 310 26.37 7.22 -17.32
C ARG B 310 25.88 6.41 -16.12
N LEU B 311 26.79 5.62 -15.54
CA LEU B 311 26.48 4.77 -14.41
C LEU B 311 27.09 5.39 -13.15
N TYR B 312 26.31 5.43 -12.07
CA TYR B 312 26.71 6.05 -10.82
C TYR B 312 26.54 5.07 -9.67
N GLU B 313 27.42 5.18 -8.65
CA GLU B 313 27.21 4.56 -7.36
C GLU B 313 26.30 5.44 -6.53
N VAL B 314 25.26 4.84 -5.94
CA VAL B 314 24.35 5.55 -5.07
C VAL B 314 24.93 5.58 -3.66
N GLY B 315 25.10 6.77 -3.10
CA GLY B 315 25.85 6.94 -1.86
N1 A1A1Q C . -9.09 -8.40 15.61
C4 A1A1Q C . -9.86 -9.90 13.29
C5 A1A1Q C . -10.42 -10.66 12.29
C7 A1A1Q C . -11.18 -10.06 11.31
C10 A1A1Q C . -10.86 -7.96 12.35
C15 A1A1Q C . -9.95 -8.35 16.66
C17 A1A1Q C . -9.62 -9.21 17.85
C20 A1A1Q C . -12.80 -9.21 19.61
C21 A1A1Q C . -13.96 -8.52 19.96
C22 A1A1Q C . -13.88 -7.16 20.15
C24 A1A1Q C . -12.71 -6.45 19.99
C28 A1A1Q C . -10.03 -10.68 21.20
C2 A1A1Q C . -9.36 -7.69 14.37
C3 A1A1Q C . -10.07 -8.54 13.33
CL6 A1A1Q C . -10.18 -12.37 12.25
F8 A1A1Q C . -11.63 -10.79 10.27
C9 A1A1Q C . -11.42 -8.70 11.33
C11 A1A1Q C . -8.05 -7.18 13.78
C12 A1A1Q C . -7.35 -6.26 14.74
O13 A1A1Q C . -7.87 -5.19 15.07
N14 A1A1Q C . -6.19 -6.69 15.24
O16 A1A1Q C . -10.97 -7.68 16.63
C18 A1A1Q C . -10.37 -9.29 19.10
C19 A1A1Q C . -11.60 -8.54 19.45
CL23 A1A1Q C . -15.33 -6.28 20.55
C25 A1A1Q C . -11.60 -7.17 19.64
F26 A1A1Q C . -10.45 -6.50 19.47
C27 A1A1Q C . -9.73 -10.22 19.88
C29 A1A1Q C . -9.41 -11.69 21.84
C30 A1A1Q C . -9.96 -12.27 23.07
O31 A1A1Q C . -10.90 -11.73 23.65
N32 A1A1Q C . -9.41 -13.42 23.55
C33 A1A1Q C . -8.33 -14.15 22.85
C34 A1A1Q C . -7.24 -14.65 23.77
C35 A1A1Q C . -7.83 -15.43 24.91
C36 A1A1Q C . -8.83 -14.59 25.64
C37 A1A1Q C . -9.94 -14.14 24.71
N38 A1A1Q C . -8.65 -10.70 19.20
C39 A1A1Q C . -8.58 -10.10 17.98
C1 CIT D . -2.49 -25.25 10.80
O1 CIT D . -3.47 -24.66 11.34
O2 CIT D . -1.79 -24.77 9.90
C2 CIT D . -2.16 -26.66 11.29
C3 CIT D . -3.35 -27.62 11.34
O7 CIT D . -4.36 -27.09 12.18
C4 CIT D . -2.89 -28.96 11.92
C5 CIT D . -3.98 -29.99 12.16
O3 CIT D . -4.08 -30.47 13.30
O4 CIT D . -4.72 -30.32 11.20
C6 CIT D . -3.89 -27.82 9.89
O5 CIT D . -5.03 -27.33 9.61
O6 CIT D . -3.15 -28.44 9.09
N1 A1A1Q E . 11.28 8.11 -17.19
C4 A1A1Q E . 12.92 9.76 -15.57
C5 A1A1Q E . 13.64 10.66 -14.83
C7 A1A1Q E . 13.30 10.90 -13.51
C10 A1A1Q E . 11.54 9.32 -13.65
C15 A1A1Q E . 10.33 8.70 -17.92
C17 A1A1Q E . 10.58 8.86 -19.35
C20 A1A1Q E . 8.00 11.30 -20.24
C21 A1A1Q E . 6.73 11.78 -20.00
C22 A1A1Q E . 5.76 10.89 -19.60
C24 A1A1Q E . 6.02 9.55 -19.44
C28 A1A1Q E . 9.96 10.10 -22.75
C2 A1A1Q E . 11.18 7.95 -15.75
C3 A1A1Q E . 11.86 9.06 -14.99
CL6 A1A1Q E . 14.97 11.50 -15.56
F8 A1A1Q E . 14.05 11.74 -12.76
C9 A1A1Q E . 12.26 10.25 -12.90
C11 A1A1Q E . 11.77 6.59 -15.32
C12 A1A1Q E . 11.01 5.47 -15.98
O13 A1A1Q E . 9.80 5.36 -15.82
N14 A1A1Q E . 11.71 4.68 -16.79
O16 A1A1Q E . 9.29 9.13 -17.42
C18 A1A1Q E . 9.69 9.48 -20.30
C19 A1A1Q E . 8.31 9.96 -20.08
CL23 A1A1Q E . 4.14 11.48 -19.31
C25 A1A1Q E . 7.30 9.12 -19.69
F26 A1A1Q E . 7.55 7.80 -19.59
C27 A1A1Q E . 10.36 9.57 -21.49
C29 A1A1Q E . 10.69 10.14 -23.87
C30 A1A1Q E . 10.23 10.79 -25.12
O31 A1A1Q E . 9.05 11.12 -25.23
N32 A1A1Q E . 11.13 11.05 -26.09
C33 A1A1Q E . 12.59 10.90 -25.96
C34 A1A1Q E . 13.23 10.25 -27.17
C35 A1A1Q E . 12.84 10.96 -28.43
C36 A1A1Q E . 11.34 10.99 -28.55
C37 A1A1Q E . 10.72 11.68 -27.36
N38 A1A1Q E . 11.61 9.03 -21.30
C39 A1A1Q E . 11.74 8.59 -20.04
#